data_7UNY
#
_entry.id   7UNY
#
_cell.length_a   182.416
_cell.length_b   182.416
_cell.length_c   143.728
_cell.angle_alpha   90.000
_cell.angle_beta   90.000
_cell.angle_gamma   120.000
#
_symmetry.space_group_name_H-M   'P 32 2 1'
#
loop_
_entity.id
_entity.type
_entity.pdbx_description
1 polymer 'Cysteine-rich small secreted protein CSS'
2 polymer 'D2 Nanobody'
3 branched alpha-D-mannopyranose-(1-3)-[alpha-D-mannopyranose-(1-6)]beta-D-mannopyranose-(1-4)-2-acetamido-2-deoxy-beta-D-glucopyranose-(1-4)-2-acetamido-2-deoxy-beta-D-glucopyranose
4 branched 2-acetamido-2-deoxy-beta-D-glucopyranose-(1-4)-2-acetamido-2-deoxy-beta-D-glucopyranose
5 non-polymer 2-acetamido-2-deoxy-beta-D-glucopyranose
#
loop_
_entity_poly.entity_id
_entity_poly.type
_entity_poly.pdbx_seq_one_letter_code
_entity_poly.pdbx_strand_id
1 'polypeptide(L)'
;GTQDEKSVKNICVCDFTDKLNFLPLEKTKILCELKPQYGEDIKIIANKEYEINCMNNSKVFCPLKDTFINNTNIKLYSPK
LHFEIKDITHKGKNAALYYLKIDEEASDIFFSCSIKPKQVSGLLEGEVRVNLKKHINEEYSIFNEEEDVHVCDFSKGNLD
ITPSAGFYLKNSRNVSCIYRVIPNKLFLIKLPKLDIVTEKLLPSIVNCLSEFSFINFTLKHVQEGDNYISFNVIFGEFKK
HFNLACSLDLSDFQQEPCNLGKTANITFIFSKLENLYFQGDYKDDDDKH
;
A,D
2 'polypeptide(L)'
;QVQLQESGGGLVQAGGSLRLSCAASGRTFSSYAMGWFRQAPGKEREFVAAISYSGSNTYDADSVKGRFAISRDNAKNTVY
LQMNSLKPEDTAVYYCAAAGVYSGTYTDTEFDYWGQGTQVTVSSHHHHHH
;
B,C
#
loop_
_chem_comp.id
_chem_comp.type
_chem_comp.name
_chem_comp.formula
BMA D-saccharide, beta linking beta-D-mannopyranose 'C6 H12 O6'
MAN D-saccharide, alpha linking alpha-D-mannopyranose 'C6 H12 O6'
NAG D-saccharide, beta linking 2-acetamido-2-deoxy-beta-D-glucopyranose 'C8 H15 N O6'
#
# COMPACT_ATOMS: atom_id res chain seq x y z
N GLY A 1 3.05 -37.02 -47.92
CA GLY A 1 3.83 -35.81 -48.01
C GLY A 1 3.83 -34.99 -46.74
N THR A 2 4.95 -35.01 -46.03
CA THR A 2 5.09 -34.26 -44.79
C THR A 2 5.47 -32.81 -45.08
N GLN A 3 5.06 -31.91 -44.18
CA GLN A 3 5.36 -30.50 -44.34
C GLN A 3 6.85 -30.29 -44.05
N ASP A 4 7.61 -29.98 -45.09
CA ASP A 4 9.05 -29.84 -44.95
C ASP A 4 9.40 -28.55 -44.21
N GLU A 5 10.37 -28.64 -43.31
CA GLU A 5 10.80 -27.53 -42.48
C GLU A 5 12.20 -27.12 -42.90
N LYS A 6 12.34 -25.88 -43.36
CA LYS A 6 13.64 -25.28 -43.63
C LYS A 6 13.92 -24.19 -42.61
N SER A 7 15.19 -23.81 -42.49
CA SER A 7 15.60 -22.86 -41.48
C SER A 7 16.68 -21.94 -42.02
N VAL A 8 16.48 -20.63 -41.82
CA VAL A 8 17.46 -19.62 -42.19
C VAL A 8 17.64 -18.69 -41.00
N LYS A 9 18.81 -18.05 -40.95
CA LYS A 9 19.13 -17.16 -39.84
C LYS A 9 20.37 -16.35 -40.20
N ASN A 10 20.40 -15.09 -39.75
CA ASN A 10 21.58 -14.25 -39.93
C ASN A 10 22.01 -13.70 -38.57
N ILE A 11 22.87 -12.68 -38.57
CA ILE A 11 23.33 -12.06 -37.32
C ILE A 11 22.26 -11.04 -36.92
N CYS A 12 21.43 -11.43 -35.95
CA CYS A 12 20.34 -10.62 -35.40
C CYS A 12 19.37 -10.14 -36.47
N VAL A 13 19.40 -10.76 -37.65
CA VAL A 13 18.52 -10.40 -38.77
C VAL A 13 17.94 -11.68 -39.36
N CYS A 14 16.72 -11.58 -39.90
CA CYS A 14 16.05 -12.66 -40.60
C CYS A 14 15.86 -12.23 -42.05
N ASP A 15 16.67 -12.79 -42.95
CA ASP A 15 16.65 -12.42 -44.35
C ASP A 15 15.92 -13.49 -45.14
N PHE A 16 14.77 -13.13 -45.70
CA PHE A 16 14.01 -14.00 -46.60
C PHE A 16 14.10 -13.53 -48.04
N THR A 17 15.03 -12.64 -48.36
CA THR A 17 15.20 -12.17 -49.72
C THR A 17 15.73 -13.30 -50.60
N ASP A 18 15.13 -13.45 -51.79
CA ASP A 18 15.53 -14.44 -52.80
C ASP A 18 15.65 -15.85 -52.22
N LYS A 19 14.79 -16.16 -51.24
CA LYS A 19 14.74 -17.49 -50.64
C LYS A 19 13.35 -18.11 -50.73
N LEU A 20 12.36 -17.39 -51.24
CA LEU A 20 10.97 -17.86 -51.28
C LEU A 20 10.39 -17.79 -52.69
N ASN A 21 11.24 -17.77 -53.72
CA ASN A 21 10.81 -17.55 -55.09
C ASN A 21 10.66 -18.82 -55.91
N PHE A 22 10.94 -19.99 -55.34
CA PHE A 22 10.81 -21.25 -56.05
C PHE A 22 9.52 -21.96 -55.64
N LEU A 23 9.27 -23.11 -56.24
CA LEU A 23 8.07 -23.90 -55.96
C LEU A 23 8.45 -25.36 -55.73
N PRO A 24 8.34 -25.87 -54.51
CA PRO A 24 8.60 -27.28 -54.26
C PRO A 24 7.38 -28.14 -54.59
N LEU A 25 7.57 -29.46 -54.52
CA LEU A 25 6.49 -30.38 -54.85
C LEU A 25 5.55 -30.59 -53.68
N GLU A 26 6.05 -30.51 -52.46
CA GLU A 26 5.26 -30.70 -51.25
C GLU A 26 5.22 -29.38 -50.47
N LYS A 27 4.33 -29.35 -49.48
CA LYS A 27 4.20 -28.16 -48.66
C LYS A 27 5.46 -27.93 -47.84
N THR A 28 6.01 -26.72 -47.92
CA THR A 28 7.25 -26.38 -47.23
C THR A 28 7.07 -25.04 -46.53
N LYS A 29 7.88 -24.83 -45.49
CA LYS A 29 7.84 -23.57 -44.77
C LYS A 29 9.21 -23.30 -44.18
N ILE A 30 9.84 -22.22 -44.63
CA ILE A 30 11.15 -21.83 -44.13
C ILE A 30 10.97 -21.04 -42.85
N LEU A 31 11.73 -21.40 -41.81
CA LEU A 31 11.58 -20.82 -40.50
C LEU A 31 12.82 -20.00 -40.14
N CYS A 32 12.60 -18.90 -39.43
CA CYS A 32 13.68 -18.08 -38.86
C CYS A 32 13.35 -17.85 -37.40
N GLU A 33 13.90 -18.71 -36.54
CA GLU A 33 13.64 -18.65 -35.10
C GLU A 33 14.75 -17.85 -34.44
N LEU A 34 14.36 -16.88 -33.60
CA LEU A 34 15.32 -16.01 -32.94
C LEU A 34 14.92 -15.85 -31.48
N LYS A 35 15.93 -15.71 -30.63
CA LYS A 35 15.75 -15.50 -29.19
C LYS A 35 16.65 -14.36 -28.75
N PRO A 36 16.14 -13.13 -28.70
CA PRO A 36 16.98 -12.01 -28.26
C PRO A 36 17.33 -12.17 -26.78
N GLN A 37 18.59 -11.86 -26.46
CA GLN A 37 19.09 -12.06 -25.10
C GLN A 37 19.56 -10.74 -24.49
N TYR A 38 20.66 -10.17 -24.97
CA TYR A 38 21.26 -8.99 -24.34
C TYR A 38 20.77 -7.71 -25.00
N GLY A 39 19.45 -7.51 -24.92
CA GLY A 39 18.82 -6.35 -25.49
C GLY A 39 19.06 -6.18 -26.98
N GLU A 40 19.33 -7.28 -27.69
CA GLU A 40 19.60 -7.20 -29.11
C GLU A 40 18.35 -6.80 -29.88
N ASP A 41 18.56 -6.18 -31.05
CA ASP A 41 17.49 -5.79 -31.94
C ASP A 41 17.45 -6.72 -33.15
N ILE A 42 16.27 -6.86 -33.74
CA ILE A 42 16.04 -7.82 -34.81
C ILE A 42 15.58 -7.08 -36.06
N LYS A 43 16.10 -7.50 -37.21
CA LYS A 43 15.66 -7.03 -38.52
C LYS A 43 15.06 -8.18 -39.30
N ILE A 44 13.94 -7.92 -39.97
CA ILE A 44 13.28 -8.90 -40.82
C ILE A 44 13.28 -8.35 -42.24
N ILE A 45 14.01 -9.00 -43.13
CA ILE A 45 14.18 -8.55 -44.51
C ILE A 45 13.61 -9.61 -45.44
N ALA A 46 12.69 -9.20 -46.31
CA ALA A 46 12.12 -10.09 -47.29
C ALA A 46 11.76 -9.30 -48.54
N ASN A 47 11.54 -10.03 -49.64
CA ASN A 47 11.19 -9.39 -50.90
C ASN A 47 9.86 -8.66 -50.79
N LYS A 48 9.75 -7.53 -51.48
CA LYS A 48 8.54 -6.72 -51.42
C LYS A 48 7.34 -7.42 -52.04
N GLU A 49 7.58 -8.30 -53.02
CA GLU A 49 6.46 -8.99 -53.67
C GLU A 49 5.78 -9.98 -52.72
N TYR A 50 6.51 -10.49 -51.74
CA TYR A 50 5.93 -11.41 -50.77
C TYR A 50 4.91 -10.69 -49.89
N GLU A 51 3.84 -11.40 -49.53
CA GLU A 51 2.86 -10.89 -48.59
C GLU A 51 3.33 -11.21 -47.17
N ILE A 52 3.60 -10.17 -46.39
CA ILE A 52 4.16 -10.31 -45.05
C ILE A 52 3.12 -9.85 -44.04
N ASN A 53 2.79 -10.74 -43.11
CA ASN A 53 1.90 -10.41 -42.00
C ASN A 53 2.75 -10.49 -40.72
N CYS A 54 3.44 -9.40 -40.43
CA CYS A 54 4.35 -9.32 -39.29
C CYS A 54 4.04 -8.09 -38.46
N MET A 55 4.70 -8.00 -37.30
CA MET A 55 4.53 -6.84 -36.41
C MET A 55 3.07 -6.55 -36.07
N ASN A 56 2.50 -5.56 -36.76
CA ASN A 56 1.12 -5.15 -36.45
C ASN A 56 0.11 -6.23 -36.78
N ASN A 57 0.46 -7.18 -37.66
CA ASN A 57 -0.42 -8.30 -38.02
C ASN A 57 0.30 -9.62 -37.80
N SER A 58 0.62 -9.91 -36.54
CA SER A 58 1.36 -11.10 -36.15
C SER A 58 0.46 -12.03 -35.34
N LYS A 59 1.01 -13.20 -35.02
CA LYS A 59 0.33 -14.21 -34.20
C LYS A 59 1.10 -14.28 -32.87
N VAL A 60 0.51 -13.75 -31.82
CA VAL A 60 1.19 -13.58 -30.53
C VAL A 60 0.70 -14.64 -29.55
N PHE A 61 1.61 -15.12 -28.70
CA PHE A 61 1.26 -16.10 -27.69
C PHE A 61 0.62 -15.44 -26.48
N CYS A 62 -0.46 -16.04 -25.99
CA CYS A 62 -1.22 -15.53 -24.85
C CYS A 62 -1.09 -16.49 -23.68
N PRO A 63 -0.27 -16.18 -22.67
CA PRO A 63 -0.13 -17.12 -21.54
C PRO A 63 -1.41 -17.33 -20.75
N LEU A 64 -2.37 -16.39 -20.82
CA LEU A 64 -3.61 -16.55 -20.08
C LEU A 64 -4.46 -17.68 -20.65
N LYS A 65 -4.54 -17.78 -21.98
CA LYS A 65 -5.32 -18.81 -22.63
C LYS A 65 -4.47 -19.96 -23.18
N ASP A 66 -3.15 -19.90 -23.00
CA ASP A 66 -2.23 -20.96 -23.40
C ASP A 66 -2.33 -21.27 -24.89
N THR A 67 -2.65 -20.26 -25.70
CA THR A 67 -2.77 -20.43 -27.14
C THR A 67 -2.18 -19.17 -27.81
N PHE A 68 -2.42 -19.05 -29.11
CA PHE A 68 -1.99 -17.90 -29.88
C PHE A 68 -3.21 -17.06 -30.29
N ILE A 69 -2.99 -15.77 -30.45
CA ILE A 69 -4.01 -14.82 -30.89
C ILE A 69 -3.64 -14.33 -32.28
N ASN A 70 -4.60 -14.43 -33.20
CA ASN A 70 -4.36 -14.04 -34.58
C ASN A 70 -4.62 -12.56 -34.80
N ASN A 71 -3.88 -11.98 -35.75
CA ASN A 71 -4.11 -10.64 -36.26
C ASN A 71 -4.15 -9.61 -35.13
N THR A 72 -2.98 -9.42 -34.51
CA THR A 72 -2.85 -8.48 -33.41
C THR A 72 -1.46 -7.86 -33.44
N ASN A 73 -1.36 -6.64 -32.92
CA ASN A 73 -0.08 -5.96 -32.81
C ASN A 73 0.66 -6.44 -31.57
N ILE A 74 1.99 -6.49 -31.66
CA ILE A 74 2.78 -6.96 -30.54
C ILE A 74 2.95 -5.89 -29.46
N LYS A 75 2.76 -4.62 -29.81
CA LYS A 75 2.83 -3.56 -28.80
C LYS A 75 1.66 -3.63 -27.82
N LEU A 76 0.59 -4.35 -28.17
CA LEU A 76 -0.55 -4.53 -27.28
C LEU A 76 -0.23 -5.47 -26.12
N TYR A 77 0.87 -6.22 -26.21
CA TYR A 77 1.28 -7.13 -25.15
C TYR A 77 2.67 -6.83 -24.60
N SER A 78 3.52 -6.14 -25.36
CA SER A 78 4.79 -5.62 -24.87
C SER A 78 4.84 -4.15 -25.26
N PRO A 79 4.29 -3.27 -24.43
CA PRO A 79 4.15 -1.85 -24.83
C PRO A 79 5.49 -1.15 -25.03
N LYS A 80 6.54 -1.57 -24.33
CA LYS A 80 7.82 -0.90 -24.46
C LYS A 80 8.52 -1.17 -25.78
N LEU A 81 8.03 -2.13 -26.56
CA LEU A 81 8.57 -2.38 -27.89
C LEU A 81 8.05 -1.36 -28.88
N HIS A 82 8.93 -0.92 -29.78
CA HIS A 82 8.56 0.02 -30.83
C HIS A 82 9.33 -0.37 -32.09
N PHE A 83 8.67 -0.26 -33.24
CA PHE A 83 9.21 -0.73 -34.50
C PHE A 83 9.00 0.33 -35.58
N GLU A 84 9.39 -0.03 -36.80
CA GLU A 84 9.15 0.79 -37.97
C GLU A 84 9.02 -0.12 -39.18
N ILE A 85 8.06 0.18 -40.04
CA ILE A 85 7.81 -0.59 -41.25
C ILE A 85 8.04 0.36 -42.42
N LYS A 86 9.19 0.27 -43.05
CA LYS A 86 9.59 1.17 -44.12
C LYS A 86 9.81 0.37 -45.41
N ASP A 87 10.25 1.09 -46.45
CA ASP A 87 10.54 0.48 -47.75
C ASP A 87 11.96 0.86 -48.15
N ILE A 88 12.85 -0.12 -48.15
CA ILE A 88 14.25 0.11 -48.51
C ILE A 88 14.59 -0.77 -49.72
N THR A 89 15.63 -0.34 -50.44
CA THR A 89 16.15 -1.07 -51.60
C THR A 89 17.49 -1.67 -51.21
N HIS A 90 17.46 -2.85 -50.60
CA HIS A 90 18.67 -3.51 -50.12
C HIS A 90 19.22 -4.41 -51.21
N LYS A 91 20.53 -4.33 -51.43
CA LYS A 91 21.23 -5.10 -52.47
C LYS A 91 20.59 -4.87 -53.83
N GLY A 92 20.22 -3.62 -54.10
CA GLY A 92 19.65 -3.24 -55.38
C GLY A 92 18.17 -3.53 -55.52
N LYS A 93 17.71 -4.63 -54.92
CA LYS A 93 16.32 -5.04 -55.04
C LYS A 93 15.46 -4.34 -53.99
N ASN A 94 14.22 -4.04 -54.38
CA ASN A 94 13.25 -3.44 -53.47
C ASN A 94 12.87 -4.44 -52.38
N ALA A 95 13.19 -4.10 -51.14
CA ALA A 95 12.97 -4.98 -50.00
C ALA A 95 12.03 -4.32 -49.00
N ALA A 96 11.62 -5.09 -48.00
CA ALA A 96 10.75 -4.62 -46.93
C ALA A 96 11.50 -4.66 -45.61
N LEU A 97 11.48 -3.55 -44.88
CA LEU A 97 12.20 -3.44 -43.61
C LEU A 97 11.21 -3.63 -42.47
N TYR A 98 11.50 -4.61 -41.61
CA TYR A 98 10.75 -4.84 -40.39
C TYR A 98 11.71 -4.76 -39.21
N TYR A 99 12.13 -3.54 -38.88
CA TYR A 99 13.10 -3.30 -37.83
C TYR A 99 12.37 -3.13 -36.50
N LEU A 100 12.75 -3.93 -35.52
CA LEU A 100 12.20 -3.85 -34.17
C LEU A 100 13.30 -3.38 -33.22
N LYS A 101 12.92 -2.55 -32.26
CA LYS A 101 13.83 -2.02 -31.26
C LYS A 101 13.45 -2.62 -29.91
N ILE A 102 14.34 -3.43 -29.35
CA ILE A 102 14.09 -4.15 -28.11
C ILE A 102 14.85 -3.44 -27.00
N ASP A 103 14.12 -2.77 -26.11
CA ASP A 103 14.72 -2.16 -24.94
C ASP A 103 15.06 -3.25 -23.91
N GLU A 104 15.82 -2.85 -22.90
CA GLU A 104 16.15 -3.79 -21.83
C GLU A 104 14.94 -4.10 -20.97
N GLU A 105 14.13 -3.09 -20.66
CA GLU A 105 12.96 -3.25 -19.81
C GLU A 105 11.73 -3.75 -20.55
N ALA A 106 11.83 -3.97 -21.87
CA ALA A 106 10.68 -4.44 -22.63
C ALA A 106 10.22 -5.80 -22.11
N SER A 107 8.91 -5.92 -21.90
CA SER A 107 8.36 -7.13 -21.33
C SER A 107 8.51 -8.31 -22.29
N ASP A 108 8.55 -9.51 -21.72
CA ASP A 108 8.72 -10.72 -22.51
C ASP A 108 7.50 -10.95 -23.39
N ILE A 109 7.74 -11.53 -24.57
CA ILE A 109 6.71 -11.75 -25.57
C ILE A 109 7.11 -12.95 -26.43
N PHE A 110 6.15 -13.47 -27.18
CA PHE A 110 6.39 -14.62 -28.06
C PHE A 110 5.38 -14.54 -29.19
N PHE A 111 5.85 -14.21 -30.39
CA PHE A 111 4.96 -14.05 -31.53
C PHE A 111 5.65 -14.58 -32.78
N SER A 112 4.84 -14.86 -33.80
CA SER A 112 5.33 -15.38 -35.06
C SER A 112 4.78 -14.54 -36.21
N CYS A 113 5.46 -14.62 -37.34
CA CYS A 113 5.09 -13.88 -38.53
C CYS A 113 5.01 -14.81 -39.72
N SER A 114 4.10 -14.51 -40.65
CA SER A 114 3.85 -15.33 -41.82
C SER A 114 4.31 -14.57 -43.06
N ILE A 115 5.25 -15.16 -43.79
CA ILE A 115 5.75 -14.61 -45.04
C ILE A 115 5.27 -15.54 -46.15
N LYS A 116 4.24 -15.13 -46.87
CA LYS A 116 3.60 -15.96 -47.88
C LYS A 116 3.73 -15.29 -49.24
N PRO A 117 4.30 -15.95 -50.24
CA PRO A 117 4.31 -15.38 -51.60
C PRO A 117 2.96 -15.59 -52.27
N LYS A 118 2.45 -14.53 -52.90
CA LYS A 118 1.13 -14.60 -53.53
C LYS A 118 1.21 -15.49 -54.75
N GLN A 119 0.56 -16.64 -54.70
CA GLN A 119 0.49 -17.56 -55.83
C GLN A 119 -0.74 -18.44 -55.67
N VAL A 120 -1.26 -18.89 -56.82
CA VAL A 120 -2.43 -19.77 -56.80
C VAL A 120 -2.12 -21.07 -56.07
N SER A 121 -0.84 -21.45 -56.04
CA SER A 121 -0.38 -22.63 -55.30
C SER A 121 0.35 -22.15 -54.04
N GLY A 122 -0.17 -22.55 -52.88
CA GLY A 122 0.40 -22.10 -51.62
C GLY A 122 1.24 -23.15 -50.92
N LEU A 123 2.09 -23.85 -51.68
CA LEU A 123 2.92 -24.90 -51.10
C LEU A 123 4.12 -24.38 -50.34
N LEU A 124 4.55 -23.14 -50.58
CA LEU A 124 5.72 -22.57 -49.95
C LEU A 124 5.31 -21.45 -48.99
N GLU A 125 5.93 -21.43 -47.81
CA GLU A 125 5.61 -20.45 -46.78
C GLU A 125 6.89 -20.04 -46.06
N GLY A 126 6.88 -18.82 -45.52
CA GLY A 126 7.94 -18.34 -44.67
C GLY A 126 7.41 -17.95 -43.30
N GLU A 127 8.19 -18.23 -42.26
CA GLU A 127 7.76 -17.94 -40.90
C GLU A 127 8.94 -17.46 -40.07
N VAL A 128 8.71 -16.41 -39.28
CA VAL A 128 9.69 -15.88 -38.34
C VAL A 128 9.10 -15.99 -36.94
N ARG A 129 9.85 -16.64 -36.03
CA ARG A 129 9.41 -16.84 -34.65
C ARG A 129 10.29 -16.00 -33.74
N VAL A 130 9.66 -15.14 -32.94
CA VAL A 130 10.36 -14.25 -32.02
C VAL A 130 10.04 -14.70 -30.60
N ASN A 131 11.09 -14.97 -29.80
CA ASN A 131 10.94 -15.45 -28.43
C ASN A 131 11.75 -14.55 -27.50
N LEU A 132 11.16 -13.43 -27.08
CA LEU A 132 11.78 -12.56 -26.09
C LEU A 132 11.40 -13.07 -24.70
N LYS A 133 12.39 -13.54 -23.94
CA LYS A 133 12.14 -14.06 -22.61
C LYS A 133 13.44 -14.08 -21.83
N LYS A 134 13.33 -13.86 -20.52
CA LYS A 134 14.48 -13.93 -19.64
C LYS A 134 14.96 -15.37 -19.49
N HIS A 135 16.27 -15.56 -19.51
CA HIS A 135 16.87 -16.88 -19.42
C HIS A 135 17.66 -17.12 -18.13
N ILE A 136 17.85 -16.10 -17.30
CA ILE A 136 18.51 -16.24 -16.02
C ILE A 136 17.44 -16.16 -14.94
N ASN A 137 17.31 -17.24 -14.15
CA ASN A 137 16.32 -17.30 -13.09
C ASN A 137 16.93 -17.64 -11.73
N GLU A 138 18.25 -17.68 -11.62
CA GLU A 138 18.93 -18.02 -10.37
C GLU A 138 20.09 -17.06 -10.19
N GLU A 139 19.92 -16.09 -9.29
CA GLU A 139 20.97 -15.14 -8.95
C GLU A 139 21.13 -15.07 -7.44
N TYR A 140 22.03 -14.21 -6.99
CA TYR A 140 22.34 -14.04 -5.58
C TYR A 140 21.89 -12.66 -5.10
N SER A 141 22.10 -12.42 -3.81
CA SER A 141 21.78 -11.13 -3.20
C SER A 141 22.73 -10.06 -3.73
N ILE A 142 22.20 -9.12 -4.51
CA ILE A 142 23.00 -8.05 -5.09
C ILE A 142 23.26 -7.03 -3.99
N PHE A 143 24.43 -7.11 -3.36
CA PHE A 143 24.80 -6.20 -2.28
C PHE A 143 25.11 -4.83 -2.86
N ASN A 144 24.26 -3.84 -2.55
CA ASN A 144 24.50 -2.48 -2.99
C ASN A 144 25.59 -1.86 -2.11
N GLU A 145 26.73 -1.54 -2.72
CA GLU A 145 27.86 -1.02 -1.95
C GLU A 145 27.59 0.38 -1.43
N GLU A 146 26.76 1.16 -2.13
CA GLU A 146 26.47 2.53 -1.70
C GLU A 146 25.71 2.55 -0.39
N GLU A 147 24.58 1.87 -0.33
CA GLU A 147 23.70 1.89 0.85
CA GLU A 147 23.70 1.89 0.85
C GLU A 147 24.01 0.79 1.84
N ASP A 148 24.96 -0.10 1.54
CA ASP A 148 25.33 -1.20 2.44
C ASP A 148 24.14 -2.10 2.74
N VAL A 149 23.37 -2.44 1.70
CA VAL A 149 22.19 -3.27 1.85
C VAL A 149 22.21 -4.35 0.77
N HIS A 150 21.57 -5.46 1.06
CA HIS A 150 21.38 -6.54 0.09
C HIS A 150 20.04 -6.40 -0.61
N VAL A 151 20.04 -6.64 -1.91
CA VAL A 151 18.84 -6.46 -2.74
C VAL A 151 18.56 -7.74 -3.50
N CYS A 152 17.34 -8.25 -3.37
CA CYS A 152 16.80 -9.32 -4.21
C CYS A 152 15.66 -8.71 -5.02
N ASP A 153 15.99 -8.19 -6.19
CA ASP A 153 15.05 -7.41 -6.98
C ASP A 153 14.16 -8.33 -7.80
N PHE A 154 12.88 -8.39 -7.43
CA PHE A 154 11.86 -9.08 -8.23
C PHE A 154 10.95 -8.13 -8.98
N SER A 155 11.17 -6.82 -8.85
CA SER A 155 10.33 -5.84 -9.54
C SER A 155 10.74 -5.63 -10.99
N LYS A 156 11.96 -6.00 -11.36
CA LYS A 156 12.45 -5.83 -12.71
C LYS A 156 13.64 -6.78 -12.91
N GLY A 157 14.30 -6.67 -14.06
CA GLY A 157 15.46 -7.50 -14.33
C GLY A 157 15.08 -8.92 -14.69
N ASN A 158 16.02 -9.84 -14.44
CA ASN A 158 15.80 -11.24 -14.79
C ASN A 158 14.82 -11.90 -13.82
N LEU A 159 14.89 -11.55 -12.54
CA LEU A 159 14.00 -12.11 -11.52
C LEU A 159 12.64 -11.41 -11.47
N ASP A 160 12.28 -10.73 -12.55
CA ASP A 160 11.02 -9.98 -12.61
C ASP A 160 9.82 -10.91 -12.45
N ILE A 161 9.03 -10.67 -11.41
CA ILE A 161 7.78 -11.40 -11.20
C ILE A 161 6.57 -10.60 -11.65
N THR A 162 6.80 -9.47 -12.33
CA THR A 162 5.70 -8.68 -12.85
C THR A 162 4.94 -9.48 -13.90
N PRO A 163 3.60 -9.39 -13.92
CA PRO A 163 2.83 -10.08 -14.97
C PRO A 163 3.30 -9.75 -16.38
N SER A 164 3.79 -10.76 -17.09
CA SER A 164 4.31 -10.59 -18.45
C SER A 164 3.68 -11.60 -19.38
N ALA A 165 3.59 -11.24 -20.66
CA ALA A 165 3.06 -12.13 -21.69
C ALA A 165 4.13 -13.02 -22.30
N GLY A 166 5.16 -13.36 -21.54
CA GLY A 166 6.23 -14.19 -22.06
C GLY A 166 5.86 -15.67 -22.08
N PHE A 167 6.47 -16.38 -23.03
CA PHE A 167 6.23 -17.82 -23.18
C PHE A 167 6.97 -18.58 -22.09
N TYR A 168 6.30 -18.81 -20.97
CA TYR A 168 6.80 -19.62 -19.88
C TYR A 168 5.76 -20.67 -19.52
N LEU A 169 6.19 -21.89 -19.26
CA LEU A 169 5.26 -22.97 -18.96
C LEU A 169 4.96 -23.01 -17.46
N LYS A 170 4.30 -24.08 -17.01
CA LYS A 170 3.89 -24.19 -15.61
C LYS A 170 5.09 -24.30 -14.70
N ASN A 171 6.01 -25.22 -14.99
CA ASN A 171 7.17 -25.44 -14.14
C ASN A 171 8.36 -24.58 -14.53
N SER A 172 8.12 -23.53 -15.32
CA SER A 172 9.14 -22.58 -15.71
C SER A 172 8.94 -21.21 -15.08
N ARG A 173 7.81 -20.98 -14.42
CA ARG A 173 7.53 -19.74 -13.73
C ARG A 173 8.14 -19.76 -12.33
N ASN A 174 9.39 -20.18 -12.25
CA ASN A 174 10.12 -20.30 -11.00
C ASN A 174 11.38 -19.44 -11.09
N VAL A 175 11.33 -18.25 -10.51
CA VAL A 175 12.51 -17.43 -10.33
C VAL A 175 12.93 -17.54 -8.88
N SER A 176 14.22 -17.31 -8.61
CA SER A 176 14.72 -17.48 -7.26
C SER A 176 15.91 -16.55 -7.04
N CYS A 177 15.97 -15.96 -5.85
CA CYS A 177 17.09 -15.16 -5.41
C CYS A 177 17.63 -15.78 -4.13
N ILE A 178 18.96 -15.80 -3.98
CA ILE A 178 19.61 -16.45 -2.87
C ILE A 178 20.35 -15.40 -2.07
N TYR A 179 19.95 -15.21 -0.82
CA TYR A 179 20.56 -14.25 0.08
C TYR A 179 21.27 -15.01 1.20
N ARG A 180 22.61 -15.01 1.15
CA ARG A 180 23.39 -15.55 2.26
C ARG A 180 23.24 -14.63 3.45
N VAL A 181 22.51 -15.09 4.46
CA VAL A 181 22.09 -14.23 5.57
C VAL A 181 23.30 -13.71 6.34
N ILE A 182 23.52 -12.40 6.27
CA ILE A 182 24.53 -11.73 7.06
C ILE A 182 23.84 -11.10 8.27
N PRO A 183 24.22 -11.44 9.49
CA PRO A 183 23.52 -10.91 10.67
C PRO A 183 23.64 -9.41 10.77
N ASN A 184 22.55 -8.77 11.20
CA ASN A 184 22.53 -7.33 11.51
C ASN A 184 22.83 -6.49 10.27
N LYS A 185 22.35 -6.95 9.10
CA LYS A 185 22.49 -6.21 7.86
C LYS A 185 21.13 -6.11 7.18
N LEU A 186 20.84 -4.95 6.60
CA LEU A 186 19.55 -4.73 5.97
C LEU A 186 19.45 -5.48 4.66
N PHE A 187 18.28 -6.07 4.41
CA PHE A 187 18.02 -6.86 3.21
C PHE A 187 16.74 -6.35 2.57
N LEU A 188 16.81 -6.01 1.29
CA LEU A 188 15.69 -5.45 0.54
C LEU A 188 15.10 -6.48 -0.40
N ILE A 189 13.78 -6.51 -0.48
CA ILE A 189 13.05 -7.36 -1.42
C ILE A 189 12.17 -6.43 -2.26
N LYS A 190 12.73 -5.95 -3.37
CA LYS A 190 11.99 -5.05 -4.25
C LYS A 190 10.98 -5.86 -5.05
N LEU A 191 9.71 -5.47 -4.97
CA LEU A 191 8.60 -6.15 -5.61
C LEU A 191 7.83 -5.17 -6.46
N PRO A 192 7.11 -5.67 -7.48
CA PRO A 192 6.36 -4.77 -8.37
C PRO A 192 5.32 -3.96 -7.62
N LYS A 193 5.08 -2.74 -8.12
CA LYS A 193 4.08 -1.84 -7.57
C LYS A 193 2.69 -2.35 -7.96
N LEU A 194 2.21 -3.32 -7.18
CA LEU A 194 0.91 -3.95 -7.43
C LEU A 194 0.06 -3.88 -6.18
N ASP A 195 -1.25 -3.97 -6.38
CA ASP A 195 -2.17 -3.90 -5.24
C ASP A 195 -2.05 -5.12 -4.34
N ILE A 196 -1.95 -6.32 -4.92
CA ILE A 196 -1.96 -7.54 -4.12
C ILE A 196 -0.60 -7.91 -3.57
N VAL A 197 0.46 -7.21 -3.99
CA VAL A 197 1.80 -7.47 -3.44
C VAL A 197 1.80 -7.24 -1.94
N THR A 198 1.20 -6.13 -1.50
CA THR A 198 1.11 -5.86 -0.07
C THR A 198 -0.01 -6.67 0.59
N GLU A 199 -1.03 -7.04 -0.18
CA GLU A 199 -2.20 -7.70 0.40
C GLU A 199 -1.99 -9.19 0.65
N LYS A 200 -1.17 -9.86 -0.17
CA LYS A 200 -0.99 -11.30 0.01
C LYS A 200 0.46 -11.72 0.14
N LEU A 201 1.36 -11.10 -0.64
CA LEU A 201 2.77 -11.48 -0.56
C LEU A 201 3.39 -11.03 0.76
N LEU A 202 2.94 -9.91 1.32
CA LEU A 202 3.47 -9.43 2.59
C LEU A 202 3.02 -10.34 3.73
N PRO A 203 1.76 -10.79 3.79
CA PRO A 203 1.43 -11.83 4.76
C PRO A 203 2.12 -13.16 4.47
N SER A 204 2.42 -13.45 3.20
CA SER A 204 3.08 -14.72 2.87
C SER A 204 4.51 -14.75 3.40
N ILE A 205 5.24 -13.63 3.29
CA ILE A 205 6.61 -13.61 3.77
C ILE A 205 6.67 -13.53 5.29
N VAL A 206 5.63 -12.98 5.92
CA VAL A 206 5.62 -12.89 7.38
C VAL A 206 5.45 -14.28 8.00
N ASN A 207 4.50 -15.06 7.49
CA ASN A 207 4.27 -16.40 8.03
C ASN A 207 5.47 -17.32 7.81
N CYS A 208 6.27 -17.06 6.77
CA CYS A 208 7.42 -17.93 6.51
C CYS A 208 8.50 -17.79 7.57
N LEU A 209 8.66 -16.60 8.15
CA LEU A 209 9.72 -16.35 9.12
C LEU A 209 9.30 -16.57 10.56
N SER A 210 8.00 -16.49 10.86
CA SER A 210 7.56 -16.62 12.25
C SER A 210 7.46 -18.06 12.72
N GLU A 211 7.31 -19.02 11.80
CA GLU A 211 7.18 -20.42 12.20
C GLU A 211 8.46 -20.94 12.83
N PHE A 212 9.62 -20.50 12.35
CA PHE A 212 10.91 -20.92 12.89
C PHE A 212 11.32 -19.93 13.98
N SER A 213 11.35 -20.41 15.23
CA SER A 213 11.60 -19.52 16.36
C SER A 213 13.08 -19.13 16.45
N PHE A 214 13.99 -20.03 16.06
CA PHE A 214 15.42 -19.74 16.16
C PHE A 214 15.90 -18.74 15.14
N ILE A 215 15.05 -18.31 14.21
CA ILE A 215 15.42 -17.29 13.23
C ILE A 215 15.22 -15.93 13.85
N ASN A 216 16.32 -15.18 14.02
CA ASN A 216 16.28 -13.84 14.60
C ASN A 216 16.12 -12.82 13.48
N PHE A 217 14.95 -12.19 13.41
CA PHE A 217 14.63 -11.24 12.36
C PHE A 217 13.88 -10.06 12.95
N THR A 218 13.83 -8.97 12.18
CA THR A 218 13.12 -7.76 12.60
C THR A 218 12.69 -7.00 11.37
N LEU A 219 11.39 -6.96 11.10
CA LEU A 219 10.85 -6.19 9.99
C LEU A 219 10.87 -4.70 10.34
N LYS A 220 11.52 -3.90 9.49
CA LYS A 220 11.67 -2.46 9.77
C LYS A 220 10.55 -1.65 9.11
N HIS A 221 10.55 -1.60 7.78
CA HIS A 221 9.58 -0.78 7.07
C HIS A 221 9.19 -1.46 5.76
N VAL A 222 8.01 -1.09 5.27
CA VAL A 222 7.54 -1.49 3.94
C VAL A 222 7.42 -0.21 3.13
N GLN A 223 8.48 0.12 2.40
CA GLN A 223 8.62 1.43 1.77
C GLN A 223 8.16 1.37 0.32
N GLU A 224 7.18 2.19 -0.03
CA GLU A 224 6.72 2.32 -1.40
C GLU A 224 7.57 3.36 -2.12
N GLY A 225 8.28 2.92 -3.15
CA GLY A 225 9.13 3.77 -3.96
C GLY A 225 8.46 4.20 -5.24
N ASP A 226 9.27 4.38 -6.28
CA ASP A 226 8.72 4.75 -7.59
C ASP A 226 8.02 3.57 -8.24
N ASN A 227 8.70 2.42 -8.32
CA ASN A 227 8.14 1.22 -8.92
C ASN A 227 8.32 -0.04 -8.10
N TYR A 228 9.06 0.00 -7.00
CA TYR A 228 9.34 -1.19 -6.20
C TYR A 228 8.76 -1.04 -4.80
N ILE A 229 8.04 -2.06 -4.36
CA ILE A 229 7.52 -2.10 -2.98
C ILE A 229 8.56 -2.87 -2.16
N SER A 230 9.57 -2.13 -1.71
CA SER A 230 10.71 -2.76 -1.06
C SER A 230 10.34 -3.20 0.35
N PHE A 231 10.55 -4.49 0.64
CA PHE A 231 10.40 -5.01 1.99
C PHE A 231 11.75 -4.92 2.69
N ASN A 232 11.81 -4.15 3.77
CA ASN A 232 13.06 -3.92 4.50
C ASN A 232 13.06 -4.81 5.75
N VAL A 233 13.91 -5.83 5.73
CA VAL A 233 14.02 -6.78 6.83
C VAL A 233 15.49 -6.92 7.21
N ILE A 234 15.76 -6.91 8.51
CA ILE A 234 17.10 -7.11 9.04
C ILE A 234 17.11 -8.40 9.85
N PHE A 235 17.98 -9.33 9.48
CA PHE A 235 18.13 -10.57 10.22
C PHE A 235 19.22 -10.39 11.27
N GLY A 236 18.88 -10.71 12.51
CA GLY A 236 19.81 -10.58 13.61
C GLY A 236 20.74 -11.76 13.72
N GLU A 237 21.40 -11.85 14.86
CA GLU A 237 22.33 -12.94 15.13
C GLU A 237 21.55 -14.24 15.30
N PHE A 238 21.83 -15.22 14.46
CA PHE A 238 21.17 -16.51 14.49
C PHE A 238 22.03 -17.49 15.29
N LYS A 239 21.37 -18.53 15.80
CA LYS A 239 22.09 -19.50 16.64
C LYS A 239 22.46 -20.75 15.86
N LYS A 240 21.46 -21.56 15.51
CA LYS A 240 21.72 -22.81 14.82
C LYS A 240 22.00 -22.57 13.34
N HIS A 241 22.94 -23.33 12.79
N HIS A 241 22.94 -23.33 12.79
CA HIS A 241 23.24 -23.26 11.36
CA HIS A 241 23.24 -23.26 11.36
C HIS A 241 22.11 -23.92 10.59
C HIS A 241 22.11 -23.92 10.59
N PHE A 242 21.25 -23.10 9.99
CA PHE A 242 20.05 -23.60 9.32
C PHE A 242 20.00 -23.05 7.89
N ASN A 243 18.91 -23.36 7.19
CA ASN A 243 18.70 -22.91 5.82
CA ASN A 243 18.70 -22.89 5.83
C ASN A 243 17.19 -22.78 5.59
N LEU A 244 16.79 -21.71 4.92
CA LEU A 244 15.38 -21.41 4.73
C LEU A 244 15.13 -20.84 3.34
N ALA A 245 13.96 -21.19 2.78
CA ALA A 245 13.53 -20.67 1.49
C ALA A 245 12.04 -20.37 1.55
N CYS A 246 11.67 -19.15 1.13
CA CYS A 246 10.29 -18.70 1.16
C CYS A 246 9.78 -18.44 -0.25
N SER A 247 8.49 -18.69 -0.46
CA SER A 247 7.86 -18.58 -1.78
C SER A 247 6.84 -17.45 -1.76
N LEU A 248 7.00 -16.48 -2.66
CA LEU A 248 6.05 -15.38 -2.86
C LEU A 248 5.42 -15.58 -4.24
N ASP A 249 4.25 -16.20 -4.27
CA ASP A 249 3.63 -16.65 -5.51
C ASP A 249 2.79 -15.54 -6.12
N LEU A 250 3.17 -15.11 -7.33
CA LEU A 250 2.36 -14.22 -8.16
C LEU A 250 2.03 -14.83 -9.51
N SER A 251 2.38 -16.10 -9.73
CA SER A 251 2.13 -16.74 -11.02
C SER A 251 0.64 -16.83 -11.32
N ASP A 252 -0.20 -16.96 -10.29
CA ASP A 252 -1.63 -17.04 -10.49
C ASP A 252 -2.30 -15.68 -10.65
N PHE A 253 -1.59 -14.60 -10.35
CA PHE A 253 -2.15 -13.26 -10.50
C PHE A 253 -2.36 -12.95 -11.98
N GLN A 254 -3.61 -12.86 -12.40
CA GLN A 254 -3.95 -12.60 -13.79
C GLN A 254 -3.94 -11.10 -14.06
N GLN A 255 -3.52 -10.75 -15.27
CA GLN A 255 -3.49 -9.36 -15.70
C GLN A 255 -3.94 -9.31 -17.17
N GLU A 256 -4.96 -8.51 -17.44
CA GLU A 256 -5.50 -8.44 -18.79
C GLU A 256 -4.46 -7.86 -19.75
N PRO A 257 -4.40 -8.34 -20.99
CA PRO A 257 -5.26 -9.40 -21.51
C PRO A 257 -4.65 -10.81 -21.43
N CYS A 258 -3.35 -10.89 -21.17
CA CYS A 258 -2.67 -12.19 -21.25
C CYS A 258 -1.55 -12.31 -20.22
N ASN A 259 -1.16 -11.21 -19.59
CA ASN A 259 0.00 -11.21 -18.71
C ASN A 259 -0.24 -12.07 -17.48
N LEU A 260 0.81 -12.79 -17.05
CA LEU A 260 0.78 -13.59 -15.85
C LEU A 260 2.09 -13.43 -15.10
N GLY A 261 2.02 -13.40 -13.77
CA GLY A 261 3.18 -13.15 -12.94
C GLY A 261 4.07 -14.37 -12.78
N LYS A 262 4.98 -14.27 -11.81
CA LYS A 262 5.93 -15.31 -11.49
C LYS A 262 5.88 -15.62 -10.00
N THR A 263 6.48 -16.74 -9.63
CA THR A 263 6.58 -17.15 -8.23
C THR A 263 7.98 -16.81 -7.74
N ALA A 264 8.07 -15.88 -6.79
CA ALA A 264 9.34 -15.53 -6.19
C ALA A 264 9.74 -16.60 -5.18
N ASN A 265 11.04 -16.89 -5.10
CA ASN A 265 11.56 -17.94 -4.24
C ASN A 265 12.89 -17.48 -3.66
N ILE A 266 12.82 -16.83 -2.50
CA ILE A 266 14.02 -16.30 -1.84
C ILE A 266 14.60 -17.38 -0.95
N THR A 267 15.86 -17.72 -1.17
CA THR A 267 16.57 -18.74 -0.41
C THR A 267 17.53 -18.05 0.56
N PHE A 268 17.36 -18.33 1.85
CA PHE A 268 18.19 -17.74 2.91
C PHE A 268 19.20 -18.76 3.39
N ILE A 269 20.48 -18.38 3.38
CA ILE A 269 21.58 -19.24 3.80
C ILE A 269 22.10 -18.71 5.13
N PHE A 270 21.94 -19.51 6.19
CA PHE A 270 22.42 -19.16 7.52
C PHE A 270 23.69 -19.96 7.77
N SER A 271 24.85 -19.33 7.56
CA SER A 271 26.14 -19.98 7.74
C SER A 271 27.08 -19.07 8.52
N LYS A 272 27.82 -19.67 9.45
CA LYS A 272 28.79 -18.93 10.25
C LYS A 272 30.21 -19.18 9.76
N GLY B 1 -5.68 46.72 38.73
CA GLY B 1 -6.98 46.21 38.35
C GLY B 1 -6.92 44.87 37.66
N THR B 2 -7.31 43.82 38.38
CA THR B 2 -7.30 42.48 37.82
C THR B 2 -8.57 42.22 37.01
N GLN B 3 -8.42 41.43 35.94
CA GLN B 3 -9.54 41.08 35.07
C GLN B 3 -10.42 40.03 35.74
N ASP B 4 -11.62 40.44 36.15
CA ASP B 4 -12.55 39.53 36.82
C ASP B 4 -13.20 38.59 35.82
N GLU B 5 -13.34 37.33 36.21
CA GLU B 5 -13.89 36.28 35.35
C GLU B 5 -15.25 35.83 35.88
N LYS B 6 -16.28 35.95 35.05
CA LYS B 6 -17.61 35.46 35.34
C LYS B 6 -17.92 34.22 34.51
N SER B 7 -18.95 33.49 34.92
CA SER B 7 -19.28 32.21 34.29
C SER B 7 -20.79 32.03 34.20
N VAL B 8 -21.26 31.63 33.03
CA VAL B 8 -22.66 31.32 32.79
C VAL B 8 -22.74 29.96 32.09
N LYS B 9 -23.88 29.29 32.23
CA LYS B 9 -24.07 27.97 31.65
C LYS B 9 -25.55 27.62 31.67
N ASN B 10 -26.00 26.94 30.61
CA ASN B 10 -27.37 26.46 30.54
C ASN B 10 -27.38 24.96 30.18
N ILE B 11 -28.53 24.44 29.79
CA ILE B 11 -28.65 23.04 29.38
C ILE B 11 -28.26 22.96 27.91
N CYS B 12 -27.03 22.53 27.64
CA CYS B 12 -26.44 22.34 26.32
C CYS B 12 -26.51 23.59 25.43
N VAL B 13 -26.80 24.76 26.01
CA VAL B 13 -26.87 26.01 25.26
C VAL B 13 -26.16 27.09 26.07
N CYS B 14 -25.64 28.09 25.36
CA CYS B 14 -24.98 29.23 25.98
C CYS B 14 -25.78 30.49 25.67
N ASP B 15 -26.49 31.02 26.68
CA ASP B 15 -27.34 32.19 26.53
C ASP B 15 -26.63 33.40 27.09
N PHE B 16 -26.27 34.34 26.22
CA PHE B 16 -25.69 35.62 26.62
C PHE B 16 -26.65 36.79 26.43
N THR B 17 -27.93 36.52 26.23
CA THR B 17 -28.91 37.59 26.05
C THR B 17 -29.08 38.37 27.35
N ASP B 18 -29.06 39.71 27.23
CA ASP B 18 -29.27 40.62 28.35
C ASP B 18 -28.33 40.31 29.53
N LYS B 19 -27.12 39.84 29.23
CA LYS B 19 -26.11 39.60 30.25
C LYS B 19 -24.82 40.37 30.01
N LEU B 20 -24.71 41.09 28.90
CA LEU B 20 -23.51 41.83 28.55
C LEU B 20 -23.82 43.30 28.24
N ASN B 21 -24.94 43.81 28.77
CA ASN B 21 -25.42 45.13 28.40
C ASN B 21 -25.04 46.22 29.38
N PHE B 22 -24.36 45.87 30.48
CA PHE B 22 -23.91 46.88 31.45
C PHE B 22 -22.41 47.12 31.28
N LEU B 23 -21.90 48.08 32.03
CA LEU B 23 -20.47 48.41 31.96
C LEU B 23 -19.90 48.57 33.36
N PRO B 24 -19.05 47.65 33.82
CA PRO B 24 -18.40 47.82 35.11
C PRO B 24 -17.17 48.72 35.01
N LEU B 25 -16.60 49.03 36.16
CA LEU B 25 -15.43 49.90 36.21
C LEU B 25 -14.13 49.15 35.91
N GLU B 26 -14.09 47.86 36.17
CA GLU B 26 -12.90 47.05 35.95
C GLU B 26 -13.13 46.08 34.80
N LYS B 27 -12.04 45.51 34.31
CA LYS B 27 -12.09 44.55 33.21
C LYS B 27 -12.77 43.27 33.67
N THR B 28 -13.76 42.81 32.89
CA THR B 28 -14.52 41.63 33.22
C THR B 28 -14.65 40.75 31.97
N LYS B 29 -14.88 39.46 32.20
CA LYS B 29 -14.99 38.49 31.10
C LYS B 29 -15.90 37.35 31.55
N ILE B 30 -17.08 37.26 30.93
CA ILE B 30 -18.04 36.19 31.22
C ILE B 30 -17.72 34.99 30.35
N LEU B 31 -17.68 33.81 30.97
CA LEU B 31 -17.33 32.57 30.29
C LEU B 31 -18.52 31.62 30.27
N CYS B 32 -18.63 30.87 29.17
CA CYS B 32 -19.62 29.79 29.05
C CYS B 32 -18.87 28.54 28.57
N GLU B 33 -18.47 27.70 29.51
CA GLU B 33 -17.70 26.50 29.21
C GLU B 33 -18.62 25.30 29.05
N LEU B 34 -18.45 24.57 27.94
CA LEU B 34 -19.27 23.42 27.63
C LEU B 34 -18.39 22.27 27.12
N LYS B 35 -18.82 21.05 27.42
CA LYS B 35 -18.14 19.84 26.95
C LYS B 35 -19.18 18.88 26.40
N PRO B 36 -19.45 18.91 25.10
CA PRO B 36 -20.42 17.98 24.52
C PRO B 36 -19.92 16.54 24.57
N GLN B 37 -20.84 15.62 24.87
CA GLN B 37 -20.48 14.21 25.05
C GLN B 37 -21.16 13.33 24.00
N TYR B 38 -22.47 13.15 24.07
CA TYR B 38 -23.18 12.18 23.23
C TYR B 38 -23.77 12.84 21.99
N GLY B 39 -22.88 13.39 21.15
CA GLY B 39 -23.31 14.06 19.93
C GLY B 39 -24.28 15.20 20.15
N GLU B 40 -24.21 15.86 21.30
CA GLU B 40 -25.13 16.93 21.62
C GLU B 40 -24.92 18.12 20.69
N ASP B 41 -25.98 18.90 20.51
CA ASP B 41 -25.94 20.12 19.72
C ASP B 41 -25.99 21.33 20.65
N ILE B 42 -25.39 22.43 20.20
CA ILE B 42 -25.23 23.62 21.02
C ILE B 42 -25.87 24.80 20.31
N LYS B 43 -26.56 25.64 21.09
CA LYS B 43 -27.06 26.92 20.61
C LYS B 43 -26.37 28.03 21.38
N ILE B 44 -25.96 29.07 20.67
CA ILE B 44 -25.36 30.25 21.27
C ILE B 44 -26.27 31.43 20.94
N ILE B 45 -26.91 31.98 21.97
CA ILE B 45 -27.89 33.04 21.82
C ILE B 45 -27.38 34.28 22.54
N ALA B 46 -27.29 35.39 21.82
CA ALA B 46 -26.87 36.66 22.38
C ALA B 46 -27.58 37.77 21.63
N ASN B 47 -27.59 38.95 22.22
CA ASN B 47 -28.25 40.10 21.61
C ASN B 47 -27.60 40.44 20.27
N LYS B 48 -28.43 40.88 19.31
CA LYS B 48 -27.93 41.19 17.98
C LYS B 48 -27.00 42.40 18.00
N GLU B 49 -27.19 43.31 18.96
CA GLU B 49 -26.33 44.50 19.02
C GLU B 49 -24.90 44.14 19.40
N TYR B 50 -24.70 43.03 20.11
CA TYR B 50 -23.36 42.60 20.43
C TYR B 50 -22.64 42.14 19.16
N GLU B 51 -21.35 42.45 19.08
CA GLU B 51 -20.53 41.98 17.97
C GLU B 51 -19.98 40.60 18.33
N ILE B 52 -20.38 39.58 17.56
CA ILE B 52 -20.03 38.19 17.84
C ILE B 52 -19.11 37.69 16.73
N ASN B 53 -17.94 37.18 17.12
CA ASN B 53 -17.00 36.56 16.20
C ASN B 53 -16.95 35.07 16.56
N CYS B 54 -17.91 34.31 16.03
CA CYS B 54 -18.03 32.90 16.30
C CYS B 54 -18.15 32.14 14.99
N MET B 55 -18.06 30.81 15.11
CA MET B 55 -18.18 29.86 14.01
C MET B 55 -17.22 30.19 12.88
N ASN B 56 -17.70 30.90 11.86
CA ASN B 56 -16.86 31.18 10.70
C ASN B 56 -15.66 32.07 11.03
N ASN B 57 -15.72 32.83 12.13
CA ASN B 57 -14.62 33.68 12.57
C ASN B 57 -14.30 33.37 14.04
N SER B 58 -13.80 32.16 14.30
CA SER B 58 -13.53 31.71 15.66
C SER B 58 -12.03 31.54 15.90
N LYS B 59 -11.68 31.22 17.14
CA LYS B 59 -10.31 30.97 17.58
C LYS B 59 -10.15 29.49 17.90
N VAL B 60 -9.43 28.76 17.05
CA VAL B 60 -9.33 27.31 17.13
C VAL B 60 -7.95 26.93 17.68
N PHE B 61 -7.93 25.86 18.49
CA PHE B 61 -6.69 25.35 19.05
C PHE B 61 -5.93 24.50 18.03
N CYS B 62 -4.62 24.70 17.98
CA CYS B 62 -3.75 24.00 17.03
C CYS B 62 -2.79 23.07 17.77
N PRO B 63 -3.06 21.77 17.80
CA PRO B 63 -2.15 20.85 18.52
C PRO B 63 -0.76 20.77 17.91
N LEU B 64 -0.60 21.09 16.62
CA LEU B 64 0.72 20.98 16.00
C LEU B 64 1.66 22.06 16.54
N LYS B 65 1.18 23.28 16.69
CA LYS B 65 1.98 24.39 17.20
C LYS B 65 1.69 24.70 18.67
N ASP B 66 0.78 23.95 19.30
CA ASP B 66 0.48 24.11 20.72
C ASP B 66 -0.02 25.52 21.05
N THR B 67 -0.71 26.15 20.10
CA THR B 67 -1.22 27.49 20.29
C THR B 67 -2.62 27.56 19.69
N PHE B 68 -3.17 28.77 19.59
CA PHE B 68 -4.46 29.00 18.97
C PHE B 68 -4.29 29.75 17.66
N ILE B 69 -5.25 29.56 16.76
CA ILE B 69 -5.26 30.23 15.46
C ILE B 69 -6.41 31.24 15.47
N ASN B 70 -6.09 32.50 15.18
CA ASN B 70 -7.09 33.56 15.20
C ASN B 70 -7.74 33.73 13.83
N ASN B 71 -9.01 34.15 13.88
CA ASN B 71 -9.78 34.53 12.70
C ASN B 71 -9.75 33.42 11.64
N THR B 72 -10.39 32.31 12.00
CA THR B 72 -10.47 31.15 11.14
C THR B 72 -11.77 30.41 11.39
N ASN B 73 -12.25 29.73 10.36
CA ASN B 73 -13.44 28.91 10.48
C ASN B 73 -13.10 27.55 11.07
N ILE B 74 -14.03 27.00 11.84
CA ILE B 74 -13.78 25.70 12.47
C ILE B 74 -13.95 24.56 11.49
N LYS B 75 -14.64 24.78 10.37
CA LYS B 75 -14.78 23.73 9.35
C LYS B 75 -13.47 23.40 8.67
N LEU B 76 -12.46 24.27 8.79
CA LEU B 76 -11.14 24.00 8.23
C LEU B 76 -10.36 22.97 9.04
N TYR B 77 -10.80 22.65 10.25
CA TYR B 77 -10.14 21.64 11.08
C TYR B 77 -11.05 20.49 11.48
N SER B 78 -12.37 20.69 11.47
CA SER B 78 -13.35 19.62 11.63
C SER B 78 -14.35 19.77 10.50
N PRO B 79 -14.07 19.18 9.34
CA PRO B 79 -14.91 19.42 8.16
C PRO B 79 -16.34 18.94 8.31
N LYS B 80 -16.58 17.90 9.11
CA LYS B 80 -17.92 17.36 9.25
C LYS B 80 -18.84 18.25 10.07
N LEU B 81 -18.32 19.28 10.72
CA LEU B 81 -19.16 20.21 11.46
C LEU B 81 -19.84 21.19 10.50
N HIS B 82 -21.10 21.50 10.79
CA HIS B 82 -21.88 22.45 10.01
C HIS B 82 -22.79 23.23 10.93
N PHE B 83 -22.95 24.52 10.65
CA PHE B 83 -23.68 25.44 11.52
C PHE B 83 -24.63 26.30 10.69
N GLU B 84 -25.32 27.20 11.37
CA GLU B 84 -26.17 28.20 10.74
C GLU B 84 -26.23 29.42 11.64
N ILE B 85 -26.19 30.60 11.03
CA ILE B 85 -26.19 31.87 11.74
C ILE B 85 -27.46 32.60 11.36
N LYS B 86 -28.45 32.60 12.25
CA LYS B 86 -29.76 33.19 11.99
C LYS B 86 -30.00 34.36 12.94
N ASP B 87 -31.19 34.95 12.82
CA ASP B 87 -31.63 36.06 13.65
C ASP B 87 -32.98 35.70 14.25
N ILE B 88 -33.02 35.49 15.56
CA ILE B 88 -34.24 35.11 16.26
C ILE B 88 -34.57 36.19 17.29
N THR B 89 -35.82 36.18 17.73
CA THR B 89 -36.31 37.11 18.74
C THR B 89 -36.47 36.33 20.04
N HIS B 90 -35.36 36.19 20.76
CA HIS B 90 -35.32 35.44 22.00
C HIS B 90 -35.59 36.35 23.20
N LYS B 91 -36.51 35.92 24.06
CA LYS B 91 -36.90 36.68 25.25
C LYS B 91 -37.32 38.10 24.89
N GLY B 92 -38.05 38.24 23.78
CA GLY B 92 -38.53 39.53 23.35
C GLY B 92 -37.52 40.35 22.59
N LYS B 93 -36.24 40.21 22.94
CA LYS B 93 -35.19 41.00 22.32
C LYS B 93 -34.72 40.36 21.03
N ASN B 94 -34.35 41.20 20.06
CA ASN B 94 -33.77 40.72 18.82
C ASN B 94 -32.40 40.12 19.11
N ALA B 95 -32.26 38.82 18.90
CA ALA B 95 -31.03 38.10 19.23
C ALA B 95 -30.45 37.44 17.99
N ALA B 96 -29.25 36.90 18.16
CA ALA B 96 -28.55 36.18 17.10
C ALA B 96 -28.37 34.73 17.53
N LEU B 97 -28.81 33.80 16.68
CA LEU B 97 -28.74 32.37 16.97
C LEU B 97 -27.56 31.76 16.23
N TYR B 98 -26.72 31.04 16.98
CA TYR B 98 -25.57 30.31 16.43
C TYR B 98 -25.78 28.83 16.71
N TYR B 99 -26.64 28.21 15.90
CA TYR B 99 -27.00 26.81 16.05
C TYR B 99 -25.99 25.94 15.29
N LEU B 100 -25.36 25.01 16.00
CA LEU B 100 -24.42 24.07 15.41
C LEU B 100 -24.96 22.65 15.55
N LYS B 101 -24.68 21.82 14.55
CA LYS B 101 -25.06 20.41 14.57
C LYS B 101 -23.78 19.57 14.61
N ILE B 102 -23.58 18.86 15.72
CA ILE B 102 -22.38 18.05 15.93
C ILE B 102 -22.75 16.60 15.71
N ASP B 103 -22.29 16.02 14.60
CA ASP B 103 -22.45 14.60 14.36
C ASP B 103 -21.46 13.80 15.22
N GLU B 104 -21.65 12.49 15.24
CA GLU B 104 -20.75 11.62 15.98
C GLU B 104 -19.37 11.55 15.33
N GLU B 105 -19.33 11.53 14.00
CA GLU B 105 -18.08 11.35 13.27
C GLU B 105 -17.25 12.63 13.18
N ALA B 106 -17.73 13.74 13.71
CA ALA B 106 -16.98 14.99 13.66
C ALA B 106 -15.66 14.86 14.42
N SER B 107 -14.57 15.28 13.79
CA SER B 107 -13.26 15.19 14.40
C SER B 107 -13.15 16.12 15.60
N ASP B 108 -12.25 15.78 16.52
CA ASP B 108 -12.07 16.56 17.73
C ASP B 108 -11.55 17.97 17.41
N ILE B 109 -12.00 18.94 18.20
CA ILE B 109 -11.66 20.34 17.99
C ILE B 109 -11.76 21.06 19.34
N PHE B 110 -11.20 22.27 19.39
CA PHE B 110 -11.21 23.08 20.60
C PHE B 110 -11.14 24.55 20.18
N PHE B 111 -12.24 25.27 20.34
CA PHE B 111 -12.29 26.66 19.88
C PHE B 111 -13.08 27.52 20.86
N SER B 112 -12.86 28.83 20.78
CA SER B 112 -13.52 29.81 21.62
C SER B 112 -14.09 30.92 20.75
N CYS B 113 -15.07 31.63 21.30
CA CYS B 113 -15.74 32.73 20.61
C CYS B 113 -15.79 33.96 21.50
N SER B 114 -15.70 35.14 20.87
CA SER B 114 -15.67 36.41 21.58
C SER B 114 -16.95 37.20 21.29
N ILE B 115 -17.70 37.52 22.33
CA ILE B 115 -18.91 38.33 22.23
C ILE B 115 -18.62 39.63 22.95
N LYS B 116 -18.35 40.70 22.19
CA LYS B 116 -17.95 41.98 22.77
C LYS B 116 -18.94 43.08 22.38
N PRO B 117 -19.53 43.79 23.34
CA PRO B 117 -20.32 44.98 23.00
C PRO B 117 -19.38 46.15 22.72
N LYS B 118 -19.64 46.87 21.63
CA LYS B 118 -18.78 47.95 21.19
C LYS B 118 -18.91 49.15 22.12
N GLN B 119 -17.83 49.48 22.82
CA GLN B 119 -17.80 50.64 23.70
C GLN B 119 -16.35 51.11 23.84
N VAL B 120 -16.19 52.39 24.16
CA VAL B 120 -14.86 53.01 24.27
C VAL B 120 -14.00 52.33 25.32
N SER B 121 -14.59 51.62 26.28
CA SER B 121 -13.81 50.89 27.28
C SER B 121 -13.72 49.40 27.00
N GLY B 122 -14.83 48.76 26.64
CA GLY B 122 -14.84 47.32 26.41
C GLY B 122 -14.35 46.52 27.60
N LEU B 123 -14.75 46.92 28.80
CA LEU B 123 -14.33 46.23 30.02
C LEU B 123 -15.07 44.93 30.23
N LEU B 124 -16.20 44.73 29.57
CA LEU B 124 -17.01 43.53 29.70
C LEU B 124 -16.92 42.72 28.41
N GLU B 125 -16.74 41.41 28.56
CA GLU B 125 -16.59 40.52 27.42
C GLU B 125 -17.26 39.20 27.73
N GLY B 126 -17.72 38.54 26.67
CA GLY B 126 -18.28 37.19 26.79
C GLY B 126 -17.48 36.22 25.94
N GLU B 127 -17.30 35.01 26.46
CA GLU B 127 -16.54 33.98 25.76
C GLU B 127 -17.19 32.62 25.99
N VAL B 128 -17.28 31.84 24.92
CA VAL B 128 -17.77 30.48 24.96
C VAL B 128 -16.63 29.56 24.54
N ARG B 129 -16.31 28.58 25.38
CA ARG B 129 -15.23 27.64 25.11
C ARG B 129 -15.83 26.27 24.82
N VAL B 130 -15.52 25.73 23.64
CA VAL B 130 -16.03 24.45 23.17
C VAL B 130 -14.88 23.46 23.15
N ASN B 131 -15.06 22.31 23.80
CA ASN B 131 -14.01 21.28 23.89
C ASN B 131 -14.61 19.96 23.40
N LEU B 132 -14.59 19.78 22.09
CA LEU B 132 -15.00 18.51 21.48
C LEU B 132 -13.80 17.57 21.48
N LYS B 133 -13.90 16.49 22.25
CA LYS B 133 -12.82 15.52 22.37
C LYS B 133 -13.40 14.22 22.90
N LYS B 134 -12.79 13.11 22.49
CA LYS B 134 -13.23 11.81 22.98
C LYS B 134 -12.91 11.68 24.45
N HIS B 135 -13.87 11.12 25.20
CA HIS B 135 -13.72 10.97 26.64
C HIS B 135 -13.63 9.51 27.08
N ILE B 136 -13.91 8.57 26.19
CA ILE B 136 -13.76 7.14 26.46
C ILE B 136 -12.55 6.65 25.70
N ASN B 137 -11.57 6.09 26.42
CA ASN B 137 -10.33 5.62 25.82
C ASN B 137 -10.05 4.15 26.09
N GLU B 138 -11.00 3.43 26.68
CA GLU B 138 -10.82 2.01 27.01
C GLU B 138 -12.08 1.26 26.62
N GLU B 139 -12.00 0.47 25.55
CA GLU B 139 -13.10 -0.34 25.07
C GLU B 139 -12.64 -1.79 24.92
N TYR B 140 -13.55 -2.64 24.46
CA TYR B 140 -13.28 -4.06 24.26
C TYR B 140 -13.34 -4.40 22.77
N SER B 141 -13.04 -5.66 22.47
CA SER B 141 -13.17 -6.16 21.11
C SER B 141 -14.65 -6.26 20.76
N ILE B 142 -15.10 -5.38 19.87
CA ILE B 142 -16.49 -5.34 19.44
C ILE B 142 -16.71 -6.47 18.45
N PHE B 143 -17.29 -7.57 18.91
CA PHE B 143 -17.52 -8.72 18.04
C PHE B 143 -18.55 -8.38 16.97
N ASN B 144 -18.09 -8.24 15.73
CA ASN B 144 -18.98 -7.98 14.60
C ASN B 144 -19.66 -9.28 14.20
N GLU B 145 -20.99 -9.33 14.36
CA GLU B 145 -21.72 -10.56 14.07
C GLU B 145 -21.74 -10.86 12.58
N GLU B 146 -21.66 -9.83 11.75
CA GLU B 146 -21.70 -10.00 10.30
C GLU B 146 -20.48 -10.78 9.82
N GLU B 147 -19.29 -10.18 9.95
CA GLU B 147 -18.06 -10.83 9.53
CA GLU B 147 -18.06 -10.83 9.53
C GLU B 147 -17.64 -11.95 10.47
N ASP B 148 -18.34 -12.15 11.58
CA ASP B 148 -18.03 -13.18 12.57
C ASP B 148 -16.60 -13.04 13.10
N VAL B 149 -16.20 -11.79 13.36
CA VAL B 149 -14.87 -11.48 13.84
C VAL B 149 -14.96 -10.44 14.96
N HIS B 150 -13.94 -10.41 15.79
CA HIS B 150 -13.79 -9.36 16.78
C HIS B 150 -12.97 -8.21 16.17
N VAL B 151 -13.40 -6.99 16.42
CA VAL B 151 -12.83 -5.81 15.78
C VAL B 151 -12.39 -4.83 16.86
N CYS B 152 -11.15 -4.37 16.74
CA CYS B 152 -10.63 -3.25 17.53
C CYS B 152 -10.44 -2.09 16.55
N ASP B 153 -11.48 -1.28 16.40
CA ASP B 153 -11.53 -0.25 15.38
C ASP B 153 -10.83 1.00 15.89
N PHE B 154 -9.69 1.33 15.29
CA PHE B 154 -9.00 2.59 15.56
C PHE B 154 -9.19 3.60 14.43
N SER B 155 -9.94 3.26 13.39
CA SER B 155 -10.17 4.19 12.29
C SER B 155 -11.29 5.18 12.58
N LYS B 156 -12.13 4.89 13.57
CA LYS B 156 -13.24 5.76 13.93
C LYS B 156 -13.65 5.45 15.36
N GLY B 157 -14.74 6.07 15.81
CA GLY B 157 -15.23 5.81 17.15
C GLY B 157 -14.39 6.50 18.22
N ASN B 158 -14.43 5.93 19.42
CA ASN B 158 -13.69 6.51 20.54
C ASN B 158 -12.20 6.27 20.42
N LEU B 159 -11.81 5.09 19.91
CA LEU B 159 -10.41 4.73 19.74
C LEU B 159 -9.81 5.28 18.46
N ASP B 160 -10.43 6.30 17.86
CA ASP B 160 -9.94 6.87 16.62
C ASP B 160 -8.55 7.47 16.83
N ILE B 161 -7.56 6.93 16.11
CA ILE B 161 -6.20 7.44 16.15
C ILE B 161 -5.90 8.33 14.94
N THR B 162 -6.91 8.69 14.17
CA THR B 162 -6.71 9.57 13.03
C THR B 162 -6.21 10.93 13.52
N PRO B 163 -5.26 11.56 12.81
CA PRO B 163 -4.81 12.91 13.20
C PRO B 163 -5.97 13.89 13.37
N SER B 164 -6.14 14.39 14.59
CA SER B 164 -7.24 15.29 14.93
C SER B 164 -6.69 16.53 15.61
N ALA B 165 -7.43 17.63 15.47
CA ALA B 165 -7.07 18.90 16.11
C ALA B 165 -7.63 19.02 17.52
N GLY B 166 -7.80 17.89 18.22
CA GLY B 166 -8.35 17.93 19.55
C GLY B 166 -7.32 18.32 20.59
N PHE B 167 -7.80 18.95 21.66
CA PHE B 167 -6.97 19.41 22.75
C PHE B 167 -6.58 18.21 23.62
N TYR B 168 -5.43 17.62 23.32
CA TYR B 168 -4.86 16.53 24.11
C TYR B 168 -3.46 16.89 24.53
N LEU B 169 -3.12 16.54 25.77
CA LEU B 169 -1.84 16.90 26.35
C LEU B 169 -0.79 15.84 26.00
N LYS B 170 0.36 15.90 26.68
CA LYS B 170 1.48 15.03 26.36
C LYS B 170 1.15 13.57 26.60
N ASN B 171 0.71 13.24 27.81
CA ASN B 171 0.42 11.86 28.21
C ASN B 171 -1.04 11.48 28.01
N SER B 172 -1.79 12.20 27.18
CA SER B 172 -3.20 11.91 26.96
C SER B 172 -3.52 11.30 25.61
N ARG B 173 -2.55 11.24 24.69
CA ARG B 173 -2.80 10.67 23.36
C ARG B 173 -2.61 9.16 23.31
N ASN B 174 -3.10 8.42 24.29
CA ASN B 174 -3.01 6.95 24.31
C ASN B 174 -4.39 6.35 24.50
N VAL B 175 -4.96 5.81 23.43
CA VAL B 175 -6.19 5.02 23.50
C VAL B 175 -5.81 3.54 23.46
N SER B 176 -6.71 2.68 23.94
CA SER B 176 -6.41 1.26 24.06
C SER B 176 -7.66 0.42 23.86
N CYS B 177 -7.49 -0.71 23.17
CA CYS B 177 -8.54 -1.70 22.94
C CYS B 177 -8.12 -3.04 23.52
N ILE B 178 -9.08 -3.77 24.10
CA ILE B 178 -8.83 -5.02 24.80
C ILE B 178 -9.57 -6.14 24.07
N TYR B 179 -8.83 -7.11 23.53
CA TYR B 179 -9.39 -8.26 22.84
C TYR B 179 -9.07 -9.52 23.63
N ARG B 180 -10.10 -10.13 24.23
CA ARG B 180 -9.94 -11.42 24.86
C ARG B 180 -9.73 -12.47 23.77
N VAL B 181 -8.50 -12.99 23.68
CA VAL B 181 -8.11 -13.84 22.56
C VAL B 181 -8.93 -15.11 22.55
N ILE B 182 -9.74 -15.28 21.51
CA ILE B 182 -10.50 -16.51 21.30
C ILE B 182 -9.72 -17.36 20.31
N PRO B 183 -9.35 -18.60 20.66
CA PRO B 183 -8.50 -19.40 19.76
C PRO B 183 -9.22 -19.72 18.44
N ASN B 184 -8.44 -19.70 17.36
CA ASN B 184 -8.92 -20.09 16.03
C ASN B 184 -10.07 -19.21 15.56
N LYS B 185 -10.00 -17.92 15.88
CA LYS B 185 -10.98 -16.95 15.43
C LYS B 185 -10.28 -15.74 14.83
N LEU B 186 -10.82 -15.23 13.73
CA LEU B 186 -10.22 -14.10 13.05
C LEU B 186 -10.43 -12.81 13.84
N PHE B 187 -9.40 -11.97 13.89
CA PHE B 187 -9.43 -10.72 14.63
C PHE B 187 -9.00 -9.58 13.71
N LEU B 188 -9.81 -8.54 13.65
CA LEU B 188 -9.59 -7.40 12.76
C LEU B 188 -9.09 -6.20 13.56
N ILE B 189 -8.13 -5.49 12.98
CA ILE B 189 -7.58 -4.26 13.56
C ILE B 189 -7.78 -3.17 12.53
N LYS B 190 -8.93 -2.49 12.60
CA LYS B 190 -9.24 -1.42 11.66
C LYS B 190 -8.44 -0.16 12.03
N LEU B 191 -7.67 0.33 11.09
CA LEU B 191 -6.79 1.48 11.25
C LEU B 191 -7.10 2.49 10.16
N PRO B 192 -6.75 3.77 10.38
CA PRO B 192 -7.07 4.79 9.37
C PRO B 192 -6.39 4.49 8.04
N LYS B 193 -7.08 4.88 6.96
CA LYS B 193 -6.55 4.69 5.61
C LYS B 193 -5.46 5.73 5.35
N LEU B 194 -4.26 5.41 5.83
CA LEU B 194 -3.12 6.31 5.73
C LEU B 194 -1.95 5.58 5.10
N ASP B 195 -1.04 6.38 4.54
CA ASP B 195 0.16 5.82 3.91
C ASP B 195 1.08 5.19 4.96
N ILE B 196 1.21 5.82 6.12
CA ILE B 196 2.15 5.38 7.14
C ILE B 196 1.64 4.21 7.97
N VAL B 197 0.36 3.87 7.84
CA VAL B 197 -0.17 2.71 8.57
C VAL B 197 0.52 1.44 8.12
N THR B 198 0.66 1.25 6.80
CA THR B 198 1.33 0.07 6.28
C THR B 198 2.85 0.19 6.35
N GLU B 199 3.38 1.41 6.32
CA GLU B 199 4.82 1.59 6.23
C GLU B 199 5.54 1.40 7.57
N LYS B 200 4.90 1.76 8.67
CA LYS B 200 5.57 1.64 9.96
C LYS B 200 4.76 0.88 11.00
N LEU B 201 3.44 1.07 11.03
CA LEU B 201 2.61 0.39 12.03
C LEU B 201 2.53 -1.11 11.76
N LEU B 202 2.57 -1.51 10.50
CA LEU B 202 2.49 -2.94 10.16
C LEU B 202 3.77 -3.67 10.56
N PRO B 203 4.97 -3.12 10.33
CA PRO B 203 6.16 -3.75 10.93
C PRO B 203 6.17 -3.69 12.45
N SER B 204 5.56 -2.67 13.04
CA SER B 204 5.55 -2.54 14.50
C SER B 204 4.71 -3.64 15.14
N ILE B 205 3.57 -3.98 14.54
CA ILE B 205 2.72 -5.03 15.11
C ILE B 205 3.31 -6.41 14.82
N VAL B 206 4.11 -6.54 13.76
CA VAL B 206 4.73 -7.82 13.45
C VAL B 206 5.81 -8.14 14.47
N ASN B 207 6.68 -7.17 14.77
CA ASN B 207 7.75 -7.41 15.74
C ASN B 207 7.19 -7.65 17.13
N CYS B 208 6.00 -7.12 17.42
CA CYS B 208 5.41 -7.32 18.74
C CYS B 208 4.99 -8.77 18.95
N LEU B 209 4.59 -9.46 17.89
CA LEU B 209 4.10 -10.84 18.01
C LEU B 209 5.18 -11.88 17.81
N SER B 210 6.27 -11.53 17.11
CA SER B 210 7.33 -12.48 16.81
C SER B 210 8.32 -12.63 17.96
N GLU B 211 8.43 -11.63 18.83
CA GLU B 211 9.42 -11.69 19.92
C GLU B 211 9.10 -12.80 20.90
N PHE B 212 7.82 -13.04 21.18
CA PHE B 212 7.40 -14.10 22.07
C PHE B 212 7.10 -15.36 21.26
N SER B 213 7.90 -16.41 21.48
CA SER B 213 7.80 -17.61 20.67
C SER B 213 6.54 -18.42 20.98
N PHE B 214 6.10 -18.41 22.24
CA PHE B 214 4.93 -19.20 22.62
C PHE B 214 3.62 -18.65 22.07
N ILE B 215 3.65 -17.49 21.41
CA ILE B 215 2.44 -16.91 20.84
C ILE B 215 2.19 -17.55 19.48
N ASN B 216 1.08 -18.28 19.37
CA ASN B 216 0.70 -18.94 18.12
C ASN B 216 -0.22 -18.00 17.34
N PHE B 217 0.27 -17.48 16.22
CA PHE B 217 -0.48 -16.55 15.40
C PHE B 217 -0.28 -16.88 13.92
N THR B 218 -1.14 -16.32 13.08
CA THR B 218 -1.07 -16.54 11.64
C THR B 218 -1.69 -15.33 10.95
N LEU B 219 -0.87 -14.54 10.29
CA LEU B 219 -1.36 -13.39 9.53
C LEU B 219 -2.05 -13.86 8.26
N LYS B 220 -3.30 -13.47 8.08
CA LYS B 220 -4.09 -13.89 6.94
C LYS B 220 -4.00 -12.91 5.78
N HIS B 221 -4.51 -11.70 5.96
CA HIS B 221 -4.55 -10.72 4.89
C HIS B 221 -4.29 -9.33 5.45
N VAL B 222 -3.82 -8.44 4.57
CA VAL B 222 -3.69 -7.02 4.84
C VAL B 222 -4.66 -6.32 3.88
N GLN B 223 -5.88 -6.12 4.34
CA GLN B 223 -6.99 -5.75 3.47
C GLN B 223 -7.21 -4.25 3.50
N GLU B 224 -7.10 -3.61 2.33
CA GLU B 224 -7.40 -2.19 2.19
C GLU B 224 -8.88 -2.05 1.87
N GLY B 225 -9.62 -1.42 2.78
CA GLY B 225 -11.05 -1.22 2.61
C GLY B 225 -11.39 0.18 2.14
N ASP B 226 -12.58 0.65 2.56
CA ASP B 226 -12.99 2.01 2.21
C ASP B 226 -12.24 3.05 3.03
N ASN B 227 -12.23 2.88 4.35
CA ASN B 227 -11.53 3.80 5.24
C ASN B 227 -10.67 3.10 6.28
N TYR B 228 -10.75 1.77 6.39
CA TYR B 228 -10.00 1.02 7.40
C TYR B 228 -9.06 0.05 6.70
N ILE B 229 -7.79 0.06 7.13
CA ILE B 229 -6.81 -0.91 6.65
C ILE B 229 -6.81 -2.05 7.66
N SER B 230 -7.73 -2.99 7.47
CA SER B 230 -7.95 -4.03 8.46
C SER B 230 -6.84 -5.07 8.42
N PHE B 231 -6.22 -5.30 9.58
CA PHE B 231 -5.25 -6.37 9.75
C PHE B 231 -5.98 -7.64 10.19
N ASN B 232 -5.89 -8.69 9.38
CA ASN B 232 -6.60 -9.94 9.62
C ASN B 232 -5.62 -10.95 10.21
N VAL B 233 -5.81 -11.29 11.49
CA VAL B 233 -4.93 -12.21 12.21
C VAL B 233 -5.79 -13.28 12.87
N ILE B 234 -5.33 -14.53 12.79
CA ILE B 234 -5.98 -15.67 13.43
C ILE B 234 -5.03 -16.23 14.48
N PHE B 235 -5.49 -16.27 15.73
CA PHE B 235 -4.72 -16.81 16.84
C PHE B 235 -5.05 -18.29 17.05
N GLY B 236 -4.02 -19.12 17.13
CA GLY B 236 -4.20 -20.54 17.33
C GLY B 236 -4.39 -20.91 18.80
N GLU B 237 -4.28 -22.20 19.07
CA GLU B 237 -4.43 -22.71 20.42
C GLU B 237 -3.22 -22.33 21.28
N PHE B 238 -3.46 -21.54 22.32
CA PHE B 238 -2.40 -21.12 23.23
C PHE B 238 -2.46 -21.91 24.54
N LYS B 239 -1.29 -22.02 25.17
CA LYS B 239 -1.14 -22.65 26.48
C LYS B 239 -0.89 -21.61 27.57
N LYS B 240 0.20 -20.85 27.45
CA LYS B 240 0.60 -19.91 28.49
C LYS B 240 -0.37 -18.75 28.59
N HIS B 241 -0.84 -18.48 29.82
CA HIS B 241 -1.69 -17.33 30.10
C HIS B 241 -0.83 -16.07 30.09
N PHE B 242 -0.85 -15.36 28.96
CA PHE B 242 -0.03 -14.17 28.77
C PHE B 242 -0.91 -12.96 28.53
N ASN B 243 -0.40 -11.79 28.93
CA ASN B 243 -1.05 -10.50 28.70
C ASN B 243 -0.11 -9.68 27.82
N LEU B 244 -0.28 -9.79 26.51
CA LEU B 244 0.54 -9.06 25.56
C LEU B 244 -0.13 -7.73 25.22
N ALA B 245 0.70 -6.70 25.02
CA ALA B 245 0.22 -5.39 24.64
C ALA B 245 1.16 -4.80 23.60
N CYS B 246 0.60 -4.35 22.48
CA CYS B 246 1.37 -3.78 21.39
C CYS B 246 0.99 -2.32 21.21
N SER B 247 1.97 -1.51 20.81
CA SER B 247 1.80 -0.07 20.66
C SER B 247 1.95 0.29 19.18
N LEU B 248 0.90 0.90 18.63
CA LEU B 248 0.92 1.42 17.26
C LEU B 248 0.83 2.95 17.40
N ASP B 249 1.98 3.60 17.37
CA ASP B 249 2.08 5.02 17.70
C ASP B 249 1.83 5.85 16.46
N LEU B 250 0.77 6.65 16.49
CA LEU B 250 0.51 7.67 15.47
C LEU B 250 0.39 9.06 16.06
N SER B 251 0.66 9.22 17.37
CA SER B 251 0.55 10.52 18.00
C SER B 251 1.53 11.52 17.40
N ASP B 252 2.70 11.04 16.97
CA ASP B 252 3.70 11.92 16.36
C ASP B 252 3.46 12.16 14.88
N PHE B 253 2.57 11.41 14.25
CA PHE B 253 2.28 11.60 12.84
C PHE B 253 1.58 12.94 12.65
N GLN B 254 2.28 13.90 12.05
CA GLN B 254 1.74 15.24 11.85
C GLN B 254 0.92 15.30 10.57
N GLN B 255 -0.13 16.12 10.60
CA GLN B 255 -0.97 16.35 9.44
C GLN B 255 -1.32 17.82 9.40
N GLU B 256 -1.00 18.48 8.29
CA GLU B 256 -1.21 19.90 8.18
C GLU B 256 -2.71 20.22 8.19
N PRO B 257 -3.12 21.34 8.80
CA PRO B 257 -2.19 22.29 9.42
C PRO B 257 -1.96 22.09 10.92
N CYS B 258 -2.77 21.28 11.59
CA CYS B 258 -2.69 21.20 13.05
C CYS B 258 -2.97 19.81 13.60
N ASN B 259 -3.52 18.93 12.77
CA ASN B 259 -3.97 17.62 13.26
C ASN B 259 -2.80 16.77 13.73
N LEU B 260 -3.03 16.02 14.82
CA LEU B 260 -2.07 15.07 15.36
C LEU B 260 -2.82 13.82 15.79
N GLY B 261 -2.22 12.66 15.55
CA GLY B 261 -2.86 11.39 15.81
C GLY B 261 -2.79 10.98 17.27
N LYS B 262 -3.11 9.71 17.50
CA LYS B 262 -3.08 9.11 18.83
C LYS B 262 -2.28 7.81 18.75
N THR B 263 -1.93 7.29 19.92
CA THR B 263 -1.20 6.03 20.02
C THR B 263 -2.16 4.90 20.36
N ALA B 264 -2.31 3.96 19.43
CA ALA B 264 -3.12 2.77 19.69
C ALA B 264 -2.36 1.78 20.55
N ASN B 265 -3.08 1.08 21.43
CA ASN B 265 -2.48 0.14 22.37
C ASN B 265 -3.42 -1.05 22.51
N ILE B 266 -3.20 -2.08 21.70
CA ILE B 266 -4.06 -3.26 21.67
C ILE B 266 -3.55 -4.24 22.72
N THR B 267 -4.43 -4.61 23.65
CA THR B 267 -4.09 -5.55 24.71
C THR B 267 -4.71 -6.91 24.41
N PHE B 268 -3.89 -7.94 24.34
CA PHE B 268 -4.33 -9.30 24.06
C PHE B 268 -4.31 -10.12 25.34
N ILE B 269 -5.45 -10.73 25.68
CA ILE B 269 -5.59 -11.55 26.87
C ILE B 269 -5.69 -13.00 26.43
N PHE B 270 -4.70 -13.81 26.79
CA PHE B 270 -4.68 -15.24 26.48
C PHE B 270 -5.05 -16.00 27.74
N SER B 271 -6.30 -16.40 27.85
CA SER B 271 -6.80 -17.16 28.99
C SER B 271 -7.62 -18.34 28.51
N LYS B 272 -7.44 -19.48 29.18
CA LYS B 272 -8.17 -20.73 28.82
C LYS B 272 -9.64 -20.59 29.21
N LEU B 273 -10.44 -19.95 28.36
CA LEU B 273 -11.93 -19.96 28.48
C LEU B 273 -12.33 -19.52 29.88
N VAL C 2 -8.81 29.63 39.53
CA VAL C 2 -7.41 29.42 39.88
C VAL C 2 -6.80 30.74 40.36
N GLN C 3 -6.03 30.66 41.45
CA GLN C 3 -5.32 31.80 42.00
C GLN C 3 -3.81 31.55 41.94
N LEU C 4 -3.05 32.64 41.91
CA LEU C 4 -1.61 32.59 41.72
C LEU C 4 -0.91 33.40 42.79
N GLN C 5 0.36 33.07 43.01
CA GLN C 5 1.19 33.77 43.99
C GLN C 5 2.65 33.70 43.53
N GLU C 6 3.32 34.84 43.54
CA GLU C 6 4.71 34.95 43.11
C GLU C 6 5.66 34.84 44.30
N SER C 7 6.90 34.45 43.98
CA SER C 7 7.95 34.31 44.99
C SER C 7 9.30 34.48 44.31
N GLY C 8 10.36 34.46 45.12
CA GLY C 8 11.71 34.57 44.62
C GLY C 8 12.21 35.98 44.38
N GLY C 9 11.39 37.00 44.60
CA GLY C 9 11.80 38.36 44.41
C GLY C 9 12.54 38.95 45.61
N GLY C 10 13.11 40.13 45.40
CA GLY C 10 13.83 40.83 46.44
C GLY C 10 14.75 41.91 45.91
N LEU C 11 16.02 41.89 46.31
CA LEU C 11 16.98 42.90 45.91
C LEU C 11 18.25 42.23 45.38
N VAL C 12 18.86 42.85 44.37
CA VAL C 12 20.07 42.33 43.75
C VAL C 12 20.79 43.49 43.09
N GLN C 13 22.07 43.31 42.81
CA GLN C 13 22.86 44.31 42.11
C GLN C 13 22.92 43.98 40.62
N ALA C 14 23.36 44.97 39.83
CA ALA C 14 23.42 44.81 38.39
C ALA C 14 24.33 43.65 37.99
N GLY C 15 23.93 42.93 36.93
CA GLY C 15 24.65 41.77 36.49
C GLY C 15 24.40 40.50 37.28
N GLY C 16 23.47 40.53 38.22
CA GLY C 16 23.13 39.36 39.01
C GLY C 16 22.14 38.46 38.30
N SER C 17 21.51 37.59 39.09
CA SER C 17 20.53 36.65 38.57
C SER C 17 19.45 36.43 39.62
N LEU C 18 18.20 36.30 39.16
CA LEU C 18 17.07 36.05 40.05
C LEU C 18 16.25 34.87 39.52
N ARG C 19 15.82 34.01 40.44
CA ARG C 19 15.01 32.84 40.13
C ARG C 19 13.60 33.12 40.65
N LEU C 20 12.78 33.73 39.80
CA LEU C 20 11.40 34.03 40.17
C LEU C 20 10.52 32.79 40.01
N SER C 21 9.66 32.56 40.99
CA SER C 21 8.77 31.41 41.00
C SER C 21 7.33 31.87 41.14
N CYS C 22 6.43 31.10 40.54
CA CYS C 22 5.00 31.39 40.60
C CYS C 22 4.25 30.08 40.73
N ALA C 23 3.55 29.90 41.84
CA ALA C 23 2.78 28.69 42.10
C ALA C 23 1.33 28.90 41.69
N ALA C 24 0.63 27.79 41.52
CA ALA C 24 -0.74 27.78 41.05
C ALA C 24 -1.58 26.87 41.93
N SER C 25 -2.88 26.85 41.65
CA SER C 25 -3.84 26.04 42.37
C SER C 25 -4.83 25.45 41.38
N GLY C 26 -5.61 24.50 41.85
CA GLY C 26 -6.53 23.84 40.94
C GLY C 26 -5.94 22.57 40.36
N ARG C 27 -6.83 21.63 40.05
CA ARG C 27 -6.43 20.31 39.59
C ARG C 27 -5.89 20.28 38.17
N THR C 28 -6.00 21.39 37.41
CA THR C 28 -5.62 21.40 35.99
C THR C 28 -4.68 22.57 35.70
N PHE C 29 -3.42 22.46 36.13
CA PHE C 29 -2.43 23.46 35.76
C PHE C 29 -2.10 23.35 34.27
N SER C 30 -1.82 22.14 33.80
CA SER C 30 -1.33 21.90 32.44
C SER C 30 -2.33 22.29 31.36
N SER C 31 -3.54 22.66 31.72
CA SER C 31 -4.54 23.10 30.75
C SER C 31 -4.56 24.61 30.56
N TYR C 32 -3.72 25.34 31.28
CA TYR C 32 -3.63 26.79 31.18
C TYR C 32 -2.25 27.21 30.70
N ALA C 33 -2.18 28.35 30.03
CA ALA C 33 -0.93 28.92 29.56
C ALA C 33 -0.48 30.02 30.52
N MET C 34 0.82 30.05 30.80
CA MET C 34 1.39 30.98 31.76
C MET C 34 2.17 32.09 31.06
N GLY C 35 2.32 33.21 31.76
CA GLY C 35 3.05 34.35 31.23
C GLY C 35 3.39 35.37 32.30
N TRP C 36 4.57 35.97 32.19
CA TRP C 36 5.05 36.96 33.16
C TRP C 36 4.85 38.37 32.63
N PHE C 37 4.49 39.28 33.53
CA PHE C 37 4.38 40.70 33.24
C PHE C 37 5.16 41.49 34.30
N ARG C 38 5.46 42.75 33.96
CA ARG C 38 6.18 43.62 34.89
C ARG C 38 5.69 45.05 34.72
N GLN C 39 5.89 45.86 35.77
CA GLN C 39 5.47 47.25 35.78
C GLN C 39 6.60 48.11 36.32
N ALA C 40 7.28 48.84 35.43
CA ALA C 40 8.28 49.79 35.86
C ALA C 40 7.61 50.96 36.60
N PRO C 41 8.26 51.51 37.62
CA PRO C 41 7.65 52.62 38.36
C PRO C 41 7.41 53.82 37.45
N GLY C 42 6.13 54.15 37.26
CA GLY C 42 5.76 55.22 36.36
C GLY C 42 5.20 54.70 35.06
N LYS C 43 5.83 53.67 34.50
CA LYS C 43 5.38 53.06 33.27
C LYS C 43 4.27 52.05 33.53
N GLU C 44 3.62 51.61 32.46
CA GLU C 44 2.50 50.70 32.54
C GLU C 44 2.98 49.24 32.49
N ARG C 45 2.03 48.32 32.58
CA ARG C 45 2.34 46.90 32.59
C ARG C 45 2.69 46.44 31.18
N GLU C 46 3.90 45.91 30.99
CA GLU C 46 4.37 45.45 29.71
C GLU C 46 4.59 43.94 29.74
N PHE C 47 4.64 43.35 28.56
CA PHE C 47 4.83 41.91 28.42
C PHE C 47 6.28 41.53 28.61
N VAL C 48 6.51 40.42 29.30
CA VAL C 48 7.86 39.92 29.55
C VAL C 48 8.10 38.65 28.72
N ALA C 49 7.54 37.54 29.17
CA ALA C 49 7.73 36.25 28.50
C ALA C 49 6.46 35.43 28.61
N ALA C 50 6.43 34.31 27.90
CA ALA C 50 5.26 33.45 27.86
C ALA C 50 5.69 32.03 27.51
N ILE C 51 4.97 31.06 28.07
CA ILE C 51 5.23 29.64 27.84
C ILE C 51 3.92 28.98 27.42
N SER C 52 4.00 28.02 26.51
CA SER C 52 2.82 27.37 25.97
C SER C 52 2.30 26.34 26.98
N TYR C 53 1.31 25.54 26.55
CA TYR C 53 0.72 24.54 27.44
C TYR C 53 1.72 23.42 27.75
N SER C 54 2.26 22.77 26.72
CA SER C 54 3.22 21.71 26.94
C SER C 54 4.60 22.25 27.31
N GLY C 55 4.90 23.49 26.92
CA GLY C 55 6.20 24.07 27.16
C GLY C 55 7.11 24.13 25.95
N SER C 56 6.59 23.87 24.76
CA SER C 56 7.43 23.83 23.57
C SER C 56 7.68 25.22 22.99
N ASN C 57 6.65 26.08 22.95
CA ASN C 57 6.75 27.38 22.32
C ASN C 57 6.96 28.46 23.39
N THR C 58 8.03 29.22 23.25
CA THR C 58 8.32 30.35 24.12
C THR C 58 8.23 31.64 23.32
N TYR C 59 7.54 32.64 23.87
CA TYR C 59 7.35 33.93 23.23
C TYR C 59 7.85 35.02 24.15
N ASP C 60 8.84 35.79 23.69
CA ASP C 60 9.45 36.84 24.48
C ASP C 60 9.30 38.19 23.77
N ALA C 61 9.55 39.26 24.52
CA ALA C 61 9.50 40.61 23.99
C ALA C 61 10.91 41.13 23.73
N ASP C 62 10.97 42.28 23.05
CA ASP C 62 12.27 42.81 22.64
C ASP C 62 13.10 43.29 23.82
N SER C 63 12.45 43.90 24.82
CA SER C 63 13.19 44.47 25.94
C SER C 63 13.95 43.41 26.72
N VAL C 64 13.41 42.19 26.80
CA VAL C 64 14.03 41.12 27.56
C VAL C 64 14.37 39.93 26.67
N LYS C 65 14.45 40.14 25.36
CA LYS C 65 14.78 39.07 24.43
C LYS C 65 16.18 38.54 24.70
N GLY C 66 16.28 37.23 24.90
CA GLY C 66 17.56 36.58 25.13
C GLY C 66 18.04 36.65 26.56
N ARG C 67 17.88 37.82 27.19
CA ARG C 67 18.35 38.00 28.56
C ARG C 67 17.49 37.19 29.53
N PHE C 68 16.18 37.37 29.47
CA PHE C 68 15.25 36.67 30.35
C PHE C 68 14.66 35.47 29.61
N ALA C 69 14.65 34.32 30.28
CA ALA C 69 14.12 33.08 29.72
C ALA C 69 13.09 32.51 30.67
N ILE C 70 11.93 32.13 30.13
CA ILE C 70 10.83 31.59 30.91
C ILE C 70 10.87 30.07 30.83
N SER C 71 10.56 29.41 31.94
CA SER C 71 10.53 27.96 32.03
C SER C 71 9.32 27.54 32.83
N ARG C 72 8.77 26.38 32.46
CA ARG C 72 7.54 25.88 33.06
C ARG C 72 7.71 24.43 33.49
N ASP C 73 7.00 24.05 34.56
CA ASP C 73 6.99 22.69 35.07
C ASP C 73 5.53 22.32 35.32
N ASN C 74 4.91 21.65 34.33
CA ASN C 74 3.50 21.31 34.45
C ASN C 74 3.24 20.34 35.61
N ALA C 75 4.19 19.48 35.93
CA ALA C 75 3.98 18.48 36.97
C ALA C 75 3.96 19.12 38.36
N LYS C 76 4.83 20.09 38.61
CA LYS C 76 4.99 20.68 39.92
C LYS C 76 4.03 21.84 40.18
N ASN C 77 3.16 22.18 39.22
CA ASN C 77 2.21 23.28 39.34
C ASN C 77 2.93 24.61 39.63
N THR C 78 4.04 24.85 38.94
CA THR C 78 4.84 26.04 39.16
C THR C 78 5.48 26.47 37.85
N VAL C 79 5.48 27.78 37.60
CA VAL C 79 6.17 28.38 36.46
C VAL C 79 7.28 29.28 36.99
N TYR C 80 8.39 29.33 36.27
CA TYR C 80 9.56 30.09 36.68
C TYR C 80 9.91 31.14 35.64
N LEU C 81 10.72 32.11 36.06
CA LEU C 81 11.25 33.14 35.18
C LEU C 81 12.71 33.38 35.57
N GLN C 82 13.63 32.93 34.71
CA GLN C 82 15.06 33.06 34.98
C GLN C 82 15.55 34.38 34.40
N MET C 83 15.91 35.31 35.27
CA MET C 83 16.40 36.64 34.88
C MET C 83 17.92 36.64 34.93
N ASN C 84 18.55 37.00 33.82
CA ASN C 84 20.00 37.03 33.70
C ASN C 84 20.45 38.38 33.17
N SER C 85 21.59 38.86 33.67
CA SER C 85 22.17 40.14 33.26
C SER C 85 21.15 41.27 33.44
N LEU C 86 20.77 41.47 34.70
CA LEU C 86 19.74 42.46 35.03
C LEU C 86 20.25 43.87 34.79
N LYS C 87 19.64 44.56 33.83
CA LYS C 87 19.93 45.97 33.64
C LYS C 87 19.29 46.78 34.78
N PRO C 88 19.89 47.91 35.15
CA PRO C 88 19.42 48.63 36.34
C PRO C 88 17.96 49.08 36.28
N GLU C 89 17.41 49.27 35.08
CA GLU C 89 16.01 49.70 34.94
C GLU C 89 15.03 48.54 34.99
N ASP C 90 15.47 47.34 35.37
CA ASP C 90 14.56 46.22 35.58
C ASP C 90 13.80 46.32 36.89
N THR C 91 14.06 47.34 37.70
CA THR C 91 13.32 47.57 38.94
C THR C 91 11.83 47.66 38.63
N ALA C 92 11.07 46.64 39.01
CA ALA C 92 9.65 46.60 38.69
C ALA C 92 8.99 45.51 39.52
N VAL C 93 7.67 45.62 39.64
CA VAL C 93 6.86 44.56 40.23
C VAL C 93 6.53 43.57 39.13
N TYR C 94 6.85 42.30 39.36
CA TYR C 94 6.68 41.26 38.35
C TYR C 94 5.44 40.45 38.65
N TYR C 95 4.47 40.48 37.75
CA TYR C 95 3.18 39.85 37.94
C TYR C 95 3.14 38.52 37.21
N CYS C 96 2.46 37.54 37.81
CA CYS C 96 2.26 36.24 37.21
C CYS C 96 0.80 36.12 36.77
N ALA C 97 0.59 35.67 35.54
CA ALA C 97 -0.74 35.60 34.96
C ALA C 97 -0.92 34.27 34.25
N ALA C 98 -2.18 33.82 34.21
CA ALA C 98 -2.53 32.58 33.54
C ALA C 98 -3.65 32.83 32.55
N ALA C 99 -3.57 32.16 31.39
CA ALA C 99 -4.53 32.34 30.32
C ALA C 99 -5.04 30.97 29.89
N GLY C 100 -6.37 30.80 29.92
CA GLY C 100 -6.94 29.55 29.43
C GLY C 100 -6.75 29.38 27.94
N VAL C 101 -7.17 30.37 27.16
CA VAL C 101 -6.93 30.42 25.72
C VAL C 101 -5.75 31.34 25.47
N TYR C 102 -4.81 30.88 24.63
CA TYR C 102 -3.62 31.66 24.31
C TYR C 102 -3.27 31.43 22.85
N SER C 103 -3.26 32.50 22.06
CA SER C 103 -2.92 32.45 20.65
C SER C 103 -1.57 33.08 20.34
N GLY C 104 -0.69 33.14 21.33
CA GLY C 104 0.61 33.76 21.15
C GLY C 104 0.61 35.27 21.27
N THR C 105 -0.46 35.87 21.79
CA THR C 105 -0.53 37.31 21.92
C THR C 105 0.53 37.82 22.89
N TYR C 106 1.10 38.99 22.56
CA TYR C 106 2.11 39.63 23.39
C TYR C 106 1.51 40.73 24.27
N THR C 107 0.23 40.64 24.60
CA THR C 107 -0.44 41.64 25.42
C THR C 107 -1.15 40.96 26.58
N ASP C 108 -1.71 41.78 27.47
CA ASP C 108 -2.39 41.31 28.68
C ASP C 108 -3.85 40.95 28.44
N THR C 109 -4.30 40.93 27.18
CA THR C 109 -5.71 40.70 26.89
C THR C 109 -6.10 39.23 27.13
N GLU C 110 -5.24 38.30 26.71
CA GLU C 110 -5.57 36.88 26.77
C GLU C 110 -5.57 36.34 28.19
N PHE C 111 -4.85 36.97 29.11
CA PHE C 111 -4.69 36.42 30.46
C PHE C 111 -5.88 36.79 31.34
N ASP C 112 -6.47 35.78 31.98
CA ASP C 112 -7.68 35.94 32.78
C ASP C 112 -7.40 36.11 34.26
N TYR C 113 -6.58 35.25 34.85
CA TYR C 113 -6.25 35.29 36.26
C TYR C 113 -4.86 35.85 36.47
N TRP C 114 -4.73 36.76 37.44
CA TRP C 114 -3.48 37.44 37.72
C TRP C 114 -3.08 37.21 39.17
N GLY C 115 -1.79 37.37 39.44
CA GLY C 115 -1.25 37.28 40.77
C GLY C 115 -1.18 38.62 41.47
N GLN C 116 -0.33 38.69 42.48
CA GLN C 116 -0.12 39.91 43.26
C GLN C 116 1.14 40.66 42.85
N GLY C 117 2.25 39.94 42.66
CA GLY C 117 3.48 40.58 42.24
C GLY C 117 4.51 40.66 43.34
N THR C 118 5.73 40.22 43.04
CA THR C 118 6.85 40.24 43.97
C THR C 118 7.78 41.40 43.62
N GLN C 119 8.54 41.85 44.62
CA GLN C 119 9.40 43.01 44.47
C GLN C 119 10.74 42.59 43.88
N VAL C 120 11.09 43.18 42.74
CA VAL C 120 12.38 42.95 42.08
C VAL C 120 13.05 44.30 41.94
N THR C 121 14.16 44.50 42.66
CA THR C 121 14.90 45.75 42.62
C THR C 121 16.35 45.46 42.27
N VAL C 122 16.88 46.18 41.28
CA VAL C 122 18.27 46.05 40.85
C VAL C 122 18.94 47.40 41.02
N SER C 123 20.07 47.40 41.73
CA SER C 123 20.83 48.61 42.00
C SER C 123 22.06 48.70 41.08
N SER C 124 22.84 49.75 41.29
CA SER C 124 23.99 50.03 40.43
C SER C 124 25.30 49.76 41.17
N GLN D 1 13.40 -28.46 -33.82
CA GLN D 1 13.76 -29.82 -34.20
C GLN D 1 13.17 -30.83 -33.22
N VAL D 2 12.32 -31.72 -33.74
CA VAL D 2 11.62 -32.69 -32.89
C VAL D 2 11.19 -33.87 -33.76
N GLN D 3 11.36 -35.07 -33.23
CA GLN D 3 10.90 -36.29 -33.88
C GLN D 3 9.86 -36.96 -32.99
N LEU D 4 8.98 -37.75 -33.63
CA LEU D 4 7.89 -38.39 -32.92
C LEU D 4 7.83 -39.87 -33.29
N GLN D 5 7.24 -40.65 -32.39
CA GLN D 5 7.08 -42.08 -32.61
C GLN D 5 5.84 -42.56 -31.85
N GLU D 6 4.96 -43.28 -32.54
CA GLU D 6 3.74 -43.78 -31.94
C GLU D 6 3.92 -45.23 -31.49
N SER D 7 3.10 -45.63 -30.53
CA SER D 7 3.11 -47.00 -30.02
C SER D 7 1.73 -47.29 -29.42
N GLY D 8 1.55 -48.54 -28.99
CA GLY D 8 0.30 -48.95 -28.38
C GLY D 8 -0.80 -49.31 -29.34
N GLY D 9 -0.58 -49.19 -30.65
CA GLY D 9 -1.60 -49.54 -31.61
C GLY D 9 -1.63 -51.02 -31.91
N GLY D 10 -2.67 -51.44 -32.62
CA GLY D 10 -2.82 -52.84 -32.94
C GLY D 10 -4.23 -53.23 -33.33
N LEU D 11 -4.78 -54.21 -32.63
CA LEU D 11 -6.11 -54.74 -32.90
C LEU D 11 -6.91 -54.73 -31.62
N VAL D 12 -8.22 -54.47 -31.74
CA VAL D 12 -9.10 -54.35 -30.59
C VAL D 12 -10.52 -54.65 -31.04
N GLN D 13 -11.40 -54.97 -30.10
CA GLN D 13 -12.80 -55.22 -30.37
C GLN D 13 -13.62 -53.95 -30.15
N ALA D 14 -14.84 -53.96 -30.67
CA ALA D 14 -15.72 -52.81 -30.55
C ALA D 14 -16.05 -52.55 -29.08
N GLY D 15 -16.10 -51.28 -28.71
CA GLY D 15 -16.36 -50.91 -27.33
C GLY D 15 -15.19 -51.08 -26.40
N GLY D 16 -14.01 -51.43 -26.91
CA GLY D 16 -12.83 -51.62 -26.11
C GLY D 16 -12.14 -50.30 -25.82
N SER D 17 -10.86 -50.41 -25.43
CA SER D 17 -10.07 -49.24 -25.10
C SER D 17 -8.62 -49.46 -25.50
N LEU D 18 -7.99 -48.42 -26.02
CA LEU D 18 -6.59 -48.43 -26.41
C LEU D 18 -5.88 -47.22 -25.82
N ARG D 19 -4.66 -47.45 -25.34
CA ARG D 19 -3.83 -46.40 -24.76
C ARG D 19 -2.71 -46.10 -25.75
N LEU D 20 -2.99 -45.17 -26.67
CA LEU D 20 -2.00 -44.78 -27.66
C LEU D 20 -1.00 -43.80 -27.05
N SER D 21 0.28 -44.01 -27.34
CA SER D 21 1.36 -43.21 -26.78
C SER D 21 2.21 -42.66 -27.91
N CYS D 22 2.76 -41.47 -27.69
CA CYS D 22 3.65 -40.82 -28.64
C CYS D 22 4.75 -40.09 -27.87
N ALA D 23 5.99 -40.55 -28.03
CA ALA D 23 7.14 -39.93 -27.38
C ALA D 23 7.86 -39.00 -28.36
N ALA D 24 8.67 -38.11 -27.81
CA ALA D 24 9.37 -37.13 -28.62
C ALA D 24 10.83 -37.05 -28.20
N SER D 25 11.63 -36.42 -29.05
CA SER D 25 13.05 -36.23 -28.80
C SER D 25 13.50 -34.92 -29.45
N GLY D 26 14.69 -34.48 -29.09
CA GLY D 26 15.27 -33.26 -29.66
C GLY D 26 14.95 -32.03 -28.80
N ARG D 27 14.15 -31.12 -29.36
CA ARG D 27 13.82 -29.88 -28.68
C ARG D 27 12.89 -30.19 -27.50
N THR D 28 12.80 -29.22 -26.58
CA THR D 28 12.00 -29.41 -25.37
C THR D 28 10.57 -29.78 -25.76
N PHE D 29 10.07 -30.86 -25.15
CA PHE D 29 8.70 -31.28 -25.40
C PHE D 29 7.70 -30.24 -24.91
N SER D 30 7.89 -29.74 -23.69
CA SER D 30 6.94 -28.82 -23.09
C SER D 30 6.83 -27.49 -23.84
N SER D 31 7.68 -27.24 -24.83
CA SER D 31 7.62 -26.00 -25.60
C SER D 31 6.83 -26.15 -26.89
N TYR D 32 6.36 -27.35 -27.22
CA TYR D 32 5.56 -27.60 -28.41
C TYR D 32 4.20 -28.15 -28.01
N ALA D 33 3.20 -27.90 -28.85
CA ALA D 33 1.85 -28.40 -28.64
C ALA D 33 1.64 -29.66 -29.47
N MET D 34 0.99 -30.65 -28.88
CA MET D 34 0.79 -31.95 -29.50
C MET D 34 -0.65 -32.11 -29.95
N GLY D 35 -0.84 -33.02 -30.92
CA GLY D 35 -2.15 -33.31 -31.45
C GLY D 35 -2.17 -34.58 -32.27
N TRP D 36 -3.25 -35.35 -32.17
CA TRP D 36 -3.36 -36.61 -32.88
C TRP D 36 -4.19 -36.43 -34.15
N PHE D 37 -3.75 -37.11 -35.22
CA PHE D 37 -4.49 -37.17 -36.46
C PHE D 37 -4.63 -38.63 -36.88
N ARG D 38 -5.57 -38.89 -37.77
CA ARG D 38 -5.74 -40.23 -38.30
C ARG D 38 -6.17 -40.16 -39.75
N GLN D 39 -5.85 -41.21 -40.50
CA GLN D 39 -6.18 -41.29 -41.92
C GLN D 39 -6.70 -42.68 -42.22
N ALA D 40 -8.00 -42.80 -42.44
CA ALA D 40 -8.56 -44.08 -42.87
C ALA D 40 -8.05 -44.42 -44.27
N PRO D 41 -7.79 -45.69 -44.55
CA PRO D 41 -7.31 -46.07 -45.90
C PRO D 41 -8.31 -45.69 -46.97
N GLY D 42 -7.90 -44.78 -47.84
CA GLY D 42 -8.77 -44.27 -48.88
C GLY D 42 -9.25 -42.86 -48.62
N LYS D 43 -9.67 -42.59 -47.38
CA LYS D 43 -10.11 -41.27 -47.00
C LYS D 43 -8.91 -40.40 -46.62
N GLU D 44 -9.18 -39.11 -46.41
CA GLU D 44 -8.12 -38.15 -46.16
C GLU D 44 -7.81 -38.07 -44.65
N ARG D 45 -6.78 -37.30 -44.32
CA ARG D 45 -6.35 -37.12 -42.94
C ARG D 45 -7.28 -36.15 -42.23
N GLU D 46 -7.90 -36.60 -41.15
CA GLU D 46 -8.84 -35.79 -40.38
C GLU D 46 -8.29 -35.49 -39.00
N PHE D 47 -8.84 -34.45 -38.38
CA PHE D 47 -8.42 -34.03 -37.05
C PHE D 47 -9.08 -34.90 -35.99
N VAL D 48 -8.30 -35.26 -34.96
CA VAL D 48 -8.81 -36.09 -33.88
C VAL D 48 -8.92 -35.27 -32.60
N ALA D 49 -7.78 -35.01 -31.96
CA ALA D 49 -7.75 -34.29 -30.69
C ALA D 49 -6.49 -33.43 -30.64
N ALA D 50 -6.43 -32.57 -29.63
CA ALA D 50 -5.29 -31.66 -29.49
C ALA D 50 -5.15 -31.26 -28.03
N ILE D 51 -3.91 -31.05 -27.62
CA ILE D 51 -3.57 -30.63 -26.26
C ILE D 51 -2.65 -29.42 -26.35
N SER D 52 -2.82 -28.48 -25.42
CA SER D 52 -2.05 -27.24 -25.44
C SER D 52 -0.63 -27.50 -24.90
N TYR D 53 0.12 -26.42 -24.70
CA TYR D 53 1.49 -26.55 -24.20
C TYR D 53 1.51 -27.06 -22.76
N SER D 54 0.85 -26.35 -21.86
CA SER D 54 0.81 -26.77 -20.46
C SER D 54 -0.12 -27.94 -20.24
N GLY D 55 -1.13 -28.11 -21.09
CA GLY D 55 -2.10 -29.18 -20.93
C GLY D 55 -3.45 -28.74 -20.41
N SER D 56 -3.72 -27.44 -20.35
CA SER D 56 -4.98 -26.94 -19.78
C SER D 56 -6.11 -26.99 -20.80
N ASN D 57 -5.85 -26.60 -22.04
CA ASN D 57 -6.87 -26.50 -23.07
C ASN D 57 -6.82 -27.72 -23.97
N THR D 58 -7.96 -28.41 -24.09
CA THR D 58 -8.12 -29.56 -24.97
C THR D 58 -9.05 -29.21 -26.11
N TYR D 59 -8.67 -29.60 -27.33
CA TYR D 59 -9.45 -29.33 -28.53
C TYR D 59 -9.79 -30.65 -29.20
N ASP D 60 -11.08 -30.94 -29.32
CA ASP D 60 -11.56 -32.19 -29.89
C ASP D 60 -12.47 -31.92 -31.09
N ALA D 61 -12.70 -32.97 -31.87
CA ALA D 61 -13.58 -32.93 -33.02
C ALA D 61 -14.91 -33.60 -32.69
N ASP D 62 -15.88 -33.42 -33.59
CA ASP D 62 -17.24 -33.91 -33.33
C ASP D 62 -17.31 -35.43 -33.36
N SER D 63 -16.56 -36.06 -34.28
CA SER D 63 -16.66 -37.50 -34.46
C SER D 63 -16.21 -38.26 -33.22
N VAL D 64 -15.27 -37.71 -32.46
CA VAL D 64 -14.71 -38.39 -31.31
C VAL D 64 -14.98 -37.62 -30.01
N LYS D 65 -15.98 -36.73 -30.02
CA LYS D 65 -16.32 -35.97 -28.82
C LYS D 65 -16.75 -36.91 -27.70
N GLY D 66 -16.09 -36.78 -26.55
CA GLY D 66 -16.43 -37.59 -25.39
C GLY D 66 -15.79 -38.96 -25.40
N ARG D 67 -15.78 -39.62 -26.56
CA ARG D 67 -15.22 -40.96 -26.64
C ARG D 67 -13.70 -40.94 -26.48
N PHE D 68 -13.02 -40.10 -27.27
CA PHE D 68 -11.57 -40.00 -27.21
C PHE D 68 -11.17 -38.79 -26.38
N ALA D 69 -10.23 -39.00 -25.46
CA ALA D 69 -9.71 -37.93 -24.61
C ALA D 69 -8.19 -37.90 -24.73
N ILE D 70 -7.64 -36.72 -24.96
CA ILE D 70 -6.20 -36.55 -25.13
C ILE D 70 -5.59 -36.05 -23.82
N SER D 71 -4.44 -36.60 -23.46
CA SER D 71 -3.71 -36.20 -22.26
C SER D 71 -2.22 -36.14 -22.56
N ARG D 72 -1.53 -35.25 -21.87
CA ARG D 72 -0.10 -35.05 -22.08
C ARG D 72 0.62 -35.06 -20.74
N ASP D 73 1.89 -35.48 -20.78
CA ASP D 73 2.74 -35.55 -19.60
C ASP D 73 4.07 -34.89 -19.96
N ASN D 74 4.21 -33.60 -19.58
CA ASN D 74 5.43 -32.87 -19.91
C ASN D 74 6.66 -33.50 -19.28
N ALA D 75 6.50 -34.16 -18.13
CA ALA D 75 7.64 -34.75 -17.45
C ALA D 75 8.18 -35.96 -18.22
N LYS D 76 7.28 -36.76 -18.80
CA LYS D 76 7.67 -37.99 -19.49
C LYS D 76 8.01 -37.76 -20.97
N ASN D 77 7.88 -36.53 -21.46
CA ASN D 77 8.13 -36.22 -22.87
C ASN D 77 7.26 -37.10 -23.78
N THR D 78 6.01 -37.29 -23.38
CA THR D 78 5.11 -38.19 -24.08
C THR D 78 3.69 -37.65 -24.01
N VAL D 79 2.96 -37.79 -25.12
CA VAL D 79 1.55 -37.45 -25.19
C VAL D 79 0.76 -38.74 -25.42
N TYR D 80 -0.42 -38.82 -24.82
CA TYR D 80 -1.25 -40.01 -24.89
C TYR D 80 -2.59 -39.69 -25.53
N LEU D 81 -3.28 -40.74 -25.96
CA LEU D 81 -4.64 -40.64 -26.50
C LEU D 81 -5.44 -41.81 -25.96
N GLN D 82 -6.37 -41.54 -25.04
CA GLN D 82 -7.19 -42.57 -24.45
C GLN D 82 -8.44 -42.75 -25.30
N MET D 83 -8.54 -43.86 -26.00
CA MET D 83 -9.66 -44.16 -26.89
C MET D 83 -10.63 -45.07 -26.17
N ASN D 84 -11.90 -44.64 -26.09
CA ASN D 84 -12.93 -45.40 -25.41
C ASN D 84 -14.14 -45.55 -26.32
N SER D 85 -14.79 -46.71 -26.23
CA SER D 85 -15.97 -47.05 -27.03
C SER D 85 -15.69 -46.88 -28.53
N LEU D 86 -14.72 -47.67 -29.00
CA LEU D 86 -14.27 -47.59 -30.38
C LEU D 86 -15.35 -48.13 -31.31
N LYS D 87 -15.92 -47.25 -32.14
CA LYS D 87 -16.80 -47.72 -33.20
C LYS D 87 -15.98 -48.37 -34.31
N PRO D 88 -16.57 -49.33 -35.04
CA PRO D 88 -15.78 -50.08 -36.02
C PRO D 88 -15.14 -49.25 -37.12
N GLU D 89 -15.65 -48.05 -37.42
CA GLU D 89 -15.07 -47.24 -38.48
C GLU D 89 -13.87 -46.43 -38.02
N ASP D 90 -13.38 -46.66 -36.80
CA ASP D 90 -12.16 -46.01 -36.34
C ASP D 90 -10.90 -46.69 -36.90
N THR D 91 -11.05 -47.75 -37.68
CA THR D 91 -9.93 -48.42 -38.31
C THR D 91 -9.13 -47.44 -39.17
N ALA D 92 -7.95 -47.06 -38.71
CA ALA D 92 -7.13 -46.06 -39.39
C ALA D 92 -5.74 -46.06 -38.77
N VAL D 93 -4.79 -45.51 -39.50
CA VAL D 93 -3.47 -45.24 -38.97
C VAL D 93 -3.51 -43.89 -38.25
N TYR D 94 -3.06 -43.88 -37.00
CA TYR D 94 -3.15 -42.70 -36.15
C TYR D 94 -1.80 -42.00 -36.09
N TYR D 95 -1.76 -40.75 -36.54
CA TYR D 95 -0.52 -39.98 -36.64
C TYR D 95 -0.38 -39.04 -35.46
N CYS D 96 0.87 -38.85 -35.02
CA CYS D 96 1.23 -37.93 -33.96
C CYS D 96 1.93 -36.72 -34.58
N ALA D 97 1.52 -35.52 -34.17
CA ALA D 97 2.03 -34.29 -34.75
C ALA D 97 2.39 -33.29 -33.66
N ALA D 98 3.37 -32.44 -33.96
CA ALA D 98 3.82 -31.39 -33.07
C ALA D 98 3.80 -30.06 -33.82
N ALA D 99 3.42 -28.99 -33.13
CA ALA D 99 3.31 -27.66 -33.72
C ALA D 99 4.09 -26.66 -32.88
N GLY D 100 5.01 -25.95 -33.53
CA GLY D 100 5.72 -24.89 -32.84
C GLY D 100 4.80 -23.74 -32.45
N VAL D 101 4.09 -23.20 -33.43
CA VAL D 101 3.05 -22.21 -33.20
C VAL D 101 1.71 -22.93 -33.25
N TYR D 102 0.84 -22.66 -32.28
CA TYR D 102 -0.46 -23.31 -32.22
C TYR D 102 -1.51 -22.33 -31.73
N SER D 103 -2.51 -22.07 -32.57
CA SER D 103 -3.61 -21.18 -32.23
C SER D 103 -4.93 -21.93 -32.09
N GLY D 104 -4.88 -23.23 -31.81
CA GLY D 104 -6.10 -24.02 -31.69
C GLY D 104 -6.71 -24.48 -32.99
N THR D 105 -5.97 -24.39 -34.10
CA THR D 105 -6.50 -24.80 -35.39
C THR D 105 -6.83 -26.29 -35.40
N TYR D 106 -7.90 -26.65 -36.11
CA TYR D 106 -8.33 -28.04 -36.25
C TYR D 106 -7.83 -28.65 -37.56
N THR D 107 -6.74 -28.14 -38.11
CA THR D 107 -6.18 -28.62 -39.37
C THR D 107 -4.71 -28.93 -39.19
N ASP D 108 -4.11 -29.49 -40.24
CA ASP D 108 -2.72 -29.90 -40.24
C ASP D 108 -1.77 -28.77 -40.61
N THR D 109 -2.27 -27.54 -40.72
CA THR D 109 -1.43 -26.45 -41.21
C THR D 109 -0.40 -26.02 -40.15
N GLU D 110 -0.83 -25.88 -38.90
CA GLU D 110 0.07 -25.38 -37.87
C GLU D 110 1.12 -26.41 -37.45
N PHE D 111 0.85 -27.70 -37.65
CA PHE D 111 1.76 -28.73 -37.17
C PHE D 111 2.91 -28.90 -38.15
N ASP D 112 4.13 -28.80 -37.64
CA ASP D 112 5.35 -28.83 -38.44
C ASP D 112 5.99 -30.21 -38.49
N TYR D 113 6.18 -30.84 -37.33
CA TYR D 113 6.87 -32.13 -37.24
C TYR D 113 5.84 -33.23 -37.02
N TRP D 114 6.00 -34.32 -37.76
CA TRP D 114 5.06 -35.44 -37.71
C TRP D 114 5.77 -36.74 -37.37
N GLY D 115 4.99 -37.70 -36.88
CA GLY D 115 5.47 -39.03 -36.56
C GLY D 115 5.29 -39.99 -37.72
N GLN D 116 5.26 -41.28 -37.38
CA GLN D 116 5.10 -42.34 -38.38
C GLN D 116 3.67 -42.86 -38.45
N GLY D 117 3.07 -43.17 -37.31
CA GLY D 117 1.70 -43.63 -37.29
C GLY D 117 1.57 -45.12 -37.07
N THR D 118 0.74 -45.52 -36.09
CA THR D 118 0.50 -46.93 -35.81
C THR D 118 -0.90 -47.32 -36.30
N GLN D 119 -1.06 -48.60 -36.60
CA GLN D 119 -2.31 -49.12 -37.15
C GLN D 119 -3.27 -49.50 -36.02
N VAL D 120 -4.47 -48.93 -36.04
CA VAL D 120 -5.51 -49.24 -35.08
C VAL D 120 -6.71 -49.77 -35.85
N THR D 121 -7.04 -51.05 -35.65
CA THR D 121 -8.16 -51.71 -36.32
C THR D 121 -9.10 -52.28 -35.28
N VAL D 122 -10.38 -51.98 -35.42
CA VAL D 122 -11.42 -52.41 -34.48
C VAL D 122 -12.45 -53.25 -35.21
N SER D 123 -12.74 -54.45 -34.66
CA SER D 123 -13.75 -55.33 -35.20
C SER D 123 -15.02 -55.22 -34.35
N SER D 124 -16.06 -55.93 -34.74
CA SER D 124 -17.34 -55.80 -34.04
C SER D 124 -18.11 -57.12 -34.14
N HIS D 125 -19.42 -57.05 -33.87
CA HIS D 125 -20.35 -58.18 -33.94
C HIS D 125 -19.98 -59.28 -32.94
N HIS D 126 -19.63 -58.87 -31.73
CA HIS D 126 -19.32 -59.79 -30.63
C HIS D 126 -18.20 -60.73 -31.07
N HIS D 127 -18.17 -61.94 -30.54
CA HIS D 127 -17.18 -62.95 -30.92
C HIS D 127 -17.77 -64.35 -30.86
C1 NAG E . 1.04 -2.63 -40.77
C2 NAG E . -0.27 -2.82 -41.51
C3 NAG E . -0.02 -2.81 -43.01
C4 NAG E . 0.71 -1.54 -43.43
C5 NAG E . 1.96 -1.34 -42.57
C6 NAG E . 2.63 0.00 -42.80
C7 NAG E . -2.23 -4.08 -40.74
C8 NAG E . -2.96 -2.77 -40.77
N2 NAG E . -0.95 -4.04 -41.10
O3 NAG E . -1.28 -2.92 -43.69
O4 NAG E . 1.11 -1.67 -44.80
O5 NAG E . 1.65 -1.41 -41.18
O6 NAG E . 3.61 0.27 -41.81
O7 NAG E . -2.79 -5.12 -40.41
C1 NAG E . 0.65 -0.67 -45.77
C2 NAG E . -0.88 -0.48 -45.71
C3 NAG E . -1.31 0.57 -46.72
C4 NAG E . -0.53 1.87 -46.53
C5 NAG E . 0.98 1.60 -46.54
C6 NAG E . 1.79 2.82 -46.22
C7 NAG E . -2.87 -1.93 -45.83
C8 NAG E . -3.39 -3.30 -46.16
N2 NAG E . -1.55 -1.75 -45.97
O3 NAG E . -2.70 0.84 -46.56
O4 NAG E . -0.85 2.83 -47.53
O5 NAG E . 1.30 0.61 -45.55
O6 NAG E . 1.96 3.66 -47.35
O7 NAG E . -3.62 -1.02 -45.46
C1 BMA E . -1.11 2.26 -48.85
C2 BMA E . -2.59 2.51 -49.26
C3 BMA E . -2.80 1.76 -50.57
C4 BMA E . -1.87 2.33 -51.67
C5 BMA E . -0.40 2.15 -51.18
C6 BMA E . 0.65 2.70 -52.14
O2 BMA E . -2.81 3.88 -49.52
O3 BMA E . -4.18 1.49 -50.99
O4 BMA E . -2.07 1.65 -52.88
O5 BMA E . -0.24 2.78 -49.87
O6 BMA E . 0.02 3.46 -53.15
C1 MAN E . -5.11 2.56 -51.36
C2 MAN E . -5.31 2.46 -52.93
C3 MAN E . -5.41 3.84 -53.58
C4 MAN E . -6.30 4.74 -52.76
C5 MAN E . -5.60 4.99 -51.39
C6 MAN E . -6.52 5.45 -50.26
O2 MAN E . -6.53 1.78 -53.25
O3 MAN E . -5.83 3.76 -54.94
O4 MAN E . -6.45 5.99 -53.40
O5 MAN E . -4.71 3.88 -50.96
O6 MAN E . -7.79 4.82 -50.44
C1 MAN E . 0.36 4.85 -52.98
C2 MAN E . -0.90 5.68 -53.35
C3 MAN E . -1.14 5.59 -54.85
C4 MAN E . 0.13 5.99 -55.62
C5 MAN E . 1.29 5.08 -55.20
C6 MAN E . 2.60 5.43 -55.87
O2 MAN E . -0.71 7.06 -53.05
O3 MAN E . -2.25 6.40 -55.25
O4 MAN E . -0.09 5.87 -57.01
O5 MAN E . 1.48 5.21 -53.77
O6 MAN E . 3.62 4.62 -55.31
C1 NAG F . 8.27 -23.91 -8.58
C2 NAG F . 6.78 -23.75 -8.49
C3 NAG F . 6.30 -24.17 -7.11
C4 NAG F . 6.81 -25.56 -6.76
C5 NAG F . 8.30 -25.74 -7.10
C6 NAG F . 8.74 -27.19 -7.04
C7 NAG F . 5.47 -22.07 -9.71
C8 NAG F . 4.87 -23.23 -10.46
N2 NAG F . 6.37 -22.37 -8.78
O3 NAG F . 4.88 -24.14 -7.08
O4 NAG F . 6.73 -25.79 -5.35
O5 NAG F . 8.60 -25.26 -8.41
O6 NAG F . 9.96 -27.39 -7.75
O7 NAG F . 5.14 -20.91 -9.95
C1 NAG F . 5.47 -26.16 -4.77
C2 NAG F . 5.15 -27.66 -4.94
C3 NAG F . 3.92 -28.04 -4.11
C4 NAG F . 4.10 -27.62 -2.66
C5 NAG F . 4.39 -26.13 -2.60
C6 NAG F . 4.68 -25.64 -1.20
C7 NAG F . 5.50 -29.02 -6.95
C8 NAG F . 5.16 -29.22 -8.40
N2 NAG F . 4.93 -27.98 -6.34
O3 NAG F . 3.73 -29.45 -4.20
O4 NAG F . 2.92 -27.90 -1.93
O5 NAG F . 5.57 -25.85 -3.38
O6 NAG F . 3.82 -26.25 -0.25
O7 NAG F . 6.25 -29.80 -6.36
C1 NAG G . -6.82 -18.26 -35.24
C2 NAG G . -7.92 -18.45 -34.23
C3 NAG G . -8.32 -19.92 -34.15
C4 NAG G . -8.63 -20.48 -35.53
C5 NAG G . -7.55 -20.10 -36.56
C6 NAG G . -7.96 -20.40 -37.98
C7 NAG G . -7.82 -16.74 -32.47
C8 NAG G . -7.34 -16.39 -31.10
N2 NAG G . -7.52 -17.96 -32.92
O3 NAG G . -9.45 -20.06 -33.30
O4 NAG G . -8.77 -21.89 -35.49
O5 NAG G . -7.26 -18.70 -36.50
O6 NAG G . -9.16 -19.72 -38.32
O7 NAG G . -8.46 -15.93 -33.15
C1 NAG G . -10.18 -22.21 -35.60
C2 NAG G . -10.37 -23.55 -36.30
C3 NAG G . -11.86 -23.91 -36.36
C4 NAG G . -12.48 -23.86 -34.97
C5 NAG G . -12.20 -22.51 -34.32
C6 NAG G . -12.67 -22.46 -32.88
C7 NAG G . -10.18 -22.80 -38.66
C8 NAG G . -9.43 -22.99 -39.94
N2 NAG G . -9.77 -23.57 -37.62
O3 NAG G . -11.99 -25.21 -36.94
O4 NAG G . -13.90 -23.99 -35.08
O5 NAG G . -10.78 -22.25 -34.30
O6 NAG G . -12.15 -21.32 -32.20
O7 NAG G . -11.09 -22.00 -38.55
C1 BMA G . -14.30 -25.37 -34.93
C2 BMA G . -15.62 -25.40 -34.14
C3 BMA G . -16.23 -26.80 -34.16
C4 BMA G . -16.26 -27.39 -35.59
C5 BMA G . -14.86 -27.33 -36.21
C6 BMA G . -14.82 -27.83 -37.64
O2 BMA G . -16.58 -24.53 -34.73
O3 BMA G . -17.55 -26.79 -33.61
O4 BMA G . -16.70 -28.74 -35.53
O5 BMA G . -14.45 -25.95 -36.22
O6 BMA G . -15.86 -28.79 -37.82
C1 MAN G . -17.46 -26.99 -32.19
C2 MAN G . -17.79 -28.47 -31.91
C3 MAN G . -19.27 -28.73 -32.20
C4 MAN G . -20.15 -27.73 -31.46
C5 MAN G . -19.75 -26.29 -31.82
C6 MAN G . -20.52 -25.25 -31.05
O2 MAN G . -17.60 -28.80 -30.53
O3 MAN G . -19.64 -30.06 -31.88
O4 MAN G . -21.51 -27.93 -31.81
O5 MAN G . -18.34 -26.12 -31.51
O6 MAN G . -20.46 -25.57 -29.67
C1 MAN G . -16.39 -28.65 -39.16
C2 MAN G . -17.68 -27.79 -39.06
C3 MAN G . -18.79 -28.58 -38.39
C4 MAN G . -18.97 -29.95 -39.05
C5 MAN G . -17.63 -30.71 -39.04
C6 MAN G . -17.71 -32.06 -39.71
O2 MAN G . -18.16 -27.45 -40.36
O3 MAN G . -20.03 -27.86 -38.40
O4 MAN G . -19.95 -30.70 -38.35
O5 MAN G . -16.64 -29.92 -39.72
O6 MAN G . -18.25 -31.87 -41.02
C1 NAG H . -20.04 34.80 9.31
C2 NAG H . -19.47 35.98 8.54
C3 NAG H . -20.25 37.25 8.85
C4 NAG H . -21.74 37.04 8.58
C5 NAG H . -22.22 35.81 9.34
C6 NAG H . -23.67 35.45 9.02
C7 NAG H . -17.09 35.73 8.01
C8 NAG H . -15.68 36.00 8.44
N2 NAG H . -18.05 36.16 8.82
O3 NAG H . -19.74 38.34 8.09
O4 NAG H . -22.44 38.20 9.00
O5 NAG H . -21.44 34.66 9.00
O6 NAG H . -23.98 35.69 7.66
O7 NAG H . -17.34 35.14 6.96
C1 NAG H . -23.25 38.92 8.02
C2 NAG H . -22.71 38.83 6.58
C3 NAG H . -23.67 39.51 5.60
C4 NAG H . -25.11 39.04 5.80
C5 NAG H . -25.52 39.15 7.26
C6 NAG H . -26.90 38.61 7.53
C7 NAG H . -20.59 39.27 5.42
C8 NAG H . -19.26 39.98 5.49
N2 NAG H . -21.39 39.43 6.48
O3 NAG H . -23.26 39.24 4.26
O4 NAG H . -26.03 39.78 4.99
O5 NAG H . -24.60 38.41 8.07
O6 NAG H . -26.91 37.19 7.53
O7 NAG H . -20.91 38.61 4.44
C1 BMA H . -25.64 41.17 4.79
C2 BMA H . -25.69 41.46 3.27
C3 BMA H . -25.35 42.93 3.01
C4 BMA H . -26.19 43.87 3.90
C5 BMA H . -26.10 43.46 5.38
C6 BMA H . -26.99 44.29 6.27
O2 BMA H . -26.99 41.25 2.76
O3 BMA H . -25.54 43.27 1.64
O4 BMA H . -25.71 45.20 3.75
O5 BMA H . -26.49 42.07 5.50
O6 BMA H . -28.35 43.98 5.94
C1 MAN H . -24.27 43.25 0.96
C2 MAN H . -24.20 44.50 0.03
C3 MAN H . -25.11 44.31 -1.19
C4 MAN H . -24.83 42.97 -1.87
C5 MAN H . -25.02 41.84 -0.85
C6 MAN H . -24.74 40.47 -1.45
O2 MAN H . -22.88 44.69 -0.49
O3 MAN H . -24.97 45.38 -2.11
O4 MAN H . -25.73 42.79 -2.96
O5 MAN H . -24.10 42.03 0.23
O6 MAN H . -25.98 39.77 -1.55
C1 MAN H . -29.10 45.21 5.81
C2 MAN H . -30.54 44.93 6.32
C3 MAN H . -31.27 44.01 5.34
C4 MAN H . -31.20 44.57 3.91
C5 MAN H . -29.73 44.78 3.51
C6 MAN H . -29.58 45.42 2.14
O2 MAN H . -31.31 46.13 6.38
O3 MAN H . -32.62 43.81 5.73
O4 MAN H . -31.81 43.67 3.01
O5 MAN H . -29.10 45.66 4.47
O6 MAN H . -28.20 45.49 1.82
C1 NAG I . 0.51 4.81 26.55
C2 NAG I . 1.42 6.00 26.28
C3 NAG I . 2.81 5.70 26.84
C4 NAG I . 2.71 5.26 28.31
C5 NAG I . 1.60 4.24 28.56
C6 NAG I . 1.30 4.05 30.03
C7 NAG I . 1.34 7.59 24.42
C8 NAG I . 1.09 8.64 25.45
N2 NAG I . 1.49 6.33 24.87
O3 NAG I . 3.60 6.87 26.73
O4 NAG I . 3.90 4.62 28.78
O5 NAG I . 0.36 4.64 27.94
O6 NAG I . 1.42 5.28 30.74
O7 NAG I . 1.41 7.86 23.22
C1 NAG I . 5.09 4.54 27.97
C2 NAG I . 6.23 4.52 28.99
C3 NAG I . 7.58 4.43 28.28
C4 NAG I . 7.61 3.24 27.35
C5 NAG I . 6.42 3.29 26.39
C6 NAG I . 6.32 2.05 25.52
C7 NAG I . 5.76 5.63 31.13
C8 NAG I . 5.34 4.28 31.63
N2 NAG I . 6.17 5.69 29.85
O3 NAG I . 8.61 4.31 29.26
O4 NAG I . 8.82 3.23 26.60
O5 NAG I . 5.18 3.38 27.13
O6 NAG I . 7.59 1.64 25.06
O7 NAG I . 5.70 6.63 31.84
C1 NAG J . -3.12 36.57 15.15
C2 NAG J . -2.96 37.90 15.95
C3 NAG J . -1.50 38.17 16.32
C4 NAG J . -0.90 36.95 17.00
C5 NAG J . -0.95 35.81 16.02
C6 NAG J . -0.30 34.55 16.53
C7 NAG J . -4.46 39.82 15.68
C8 NAG J . -4.92 40.92 14.78
N2 NAG J . -3.52 39.01 15.20
O3 NAG J . -1.46 39.30 17.19
O4 NAG J . 0.42 37.16 17.52
O5 NAG J . -2.32 35.51 15.77
O6 NAG J . -0.70 33.41 15.77
O7 NAG J . -4.93 39.68 16.81
C1 NAG J . 1.30 38.00 16.79
C2 NAG J . 1.71 39.16 17.70
C3 NAG J . 2.78 40.02 17.04
C4 NAG J . 3.96 39.16 16.62
C5 NAG J . 3.46 38.06 15.69
C6 NAG J . 4.55 37.11 15.26
C7 NAG J . 0.44 40.56 19.26
C8 NAG J . -0.81 41.37 19.48
N2 NAG J . 0.56 39.97 18.07
O3 NAG J . 3.21 41.03 17.95
O4 NAG J . 4.96 39.95 15.99
O5 NAG J . 2.46 37.28 16.36
O6 NAG J . 5.51 37.74 14.42
O7 NAG J . 1.30 40.46 20.13
C1 BMA J . 6.03 40.03 16.96
C2 BMA J . 7.38 39.92 16.19
C3 BMA J . 8.54 40.14 17.16
C4 BMA J . 8.32 41.39 18.05
C5 BMA J . 6.95 41.32 18.72
C6 BMA J . 6.67 42.50 19.65
O2 BMA J . 7.48 40.92 15.19
O3 BMA J . 9.76 40.27 16.45
O4 BMA J . 9.33 41.49 19.03
O5 BMA J . 5.96 41.26 17.70
O6 BMA J . 5.67 43.35 19.10
C1 MAN J . 10.59 39.12 16.65
C2 MAN J . 11.43 39.39 17.91
C3 MAN J . 12.38 40.53 17.61
C4 MAN J . 13.16 40.26 16.31
C5 MAN J . 12.23 40.02 15.12
C6 MAN J . 12.97 39.48 13.92
O2 MAN J . 12.25 38.27 18.24
O3 MAN J . 13.30 40.72 18.67
O4 MAN J . 14.03 41.35 16.03
O5 MAN J . 11.36 38.93 15.49
O6 MAN J . 12.01 38.93 13.02
C1 MAN J . 5.38 44.36 20.10
C2 MAN J . 4.00 45.02 19.78
C3 MAN J . 4.12 45.89 18.55
C4 MAN J . 5.26 46.90 18.70
C5 MAN J . 6.57 46.13 18.96
C6 MAN J . 7.76 47.05 19.18
O2 MAN J . 3.59 45.89 20.83
O3 MAN J . 2.90 46.57 18.26
O4 MAN J . 5.40 47.68 17.53
O5 MAN J . 6.42 45.34 20.15
O6 MAN J . 8.88 46.25 19.54
C1 NAG K . 13.82 -22.29 -4.24
C2 NAG K . 13.14 -23.61 -4.59
C3 NAG K . 13.89 -24.78 -3.96
C4 NAG K . 15.36 -24.72 -4.34
C5 NAG K . 15.95 -23.36 -4.01
C6 NAG K . 17.38 -23.20 -4.47
C7 NAG K . 10.72 -23.53 -5.01
C8 NAG K . 9.35 -23.54 -4.39
N2 NAG K . 11.74 -23.60 -4.16
O3 NAG K . 13.32 -26.00 -4.38
O4 NAG K . 16.08 -25.73 -3.64
O5 NAG K . 15.19 -22.33 -4.65
O6 NAG K . 18.21 -24.22 -3.94
O7 NAG K . 10.88 -23.46 -6.22
#